data_2QS4
#
_entry.id   2QS4
#
_cell.length_a   89.241
_cell.length_b   89.241
_cell.length_c   330.365
_cell.angle_alpha   90.00
_cell.angle_beta   90.00
_cell.angle_gamma   120.00
#
_symmetry.space_group_name_H-M   'H 3'
#
loop_
_entity.id
_entity.type
_entity.pdbx_description
1 polymer 'Glutamate receptor, ionotropic kainate 1'
2 non-polymer 'AMMONIUM ION'
3 non-polymer '(3S,4aR,6S,8aR)-6-{[(2S)-2-carboxy-4,4-difluoropyrrolidin-1-yl]methyl}decahydroisoquinoline-3-carboxylic acid'
4 non-polymer GLYCEROL
5 water water
#
_entity_poly.entity_id   1
_entity_poly.type   'polypeptide(L)'
_entity_poly.pdbx_seq_one_letter_code
;GSNRTLIVTTILEEPYVMYRKSDKPLYGNDRFEGYCLDLLKELSNILGFLYDVKLVPDGKYGAQNDKGEWNGMVKELIDH
RADLAVAPLTITYVREKVIDFSKPFMTLGISILYRKGTPIDSADDLAKQTKIEYGAVRDGSTMTFFKKSKISTYEKMWAF
MSSRQQSALVKNSDEGIQRVLTTDYALLMESTSIEYVTQRNCNLTQIGGLIDSKGYGVGTPIGSPYRDKITIAILQLQEE
GKLHMMKEKWWRGNGCPS
;
_entity_poly.pdbx_strand_id   A,B,C,D
#
loop_
_chem_comp.id
_chem_comp.type
_chem_comp.name
_chem_comp.formula
GOL non-polymer GLYCEROL 'C3 H8 O3'
LY5 non-polymer '(3S,4aR,6S,8aR)-6-{[(2S)-2-carboxy-4,4-difluoropyrrolidin-1-yl]methyl}decahydroisoquinoline-3-carboxylic acid' 'C16 H24 F2 N2 O4'
NH4 non-polymer 'AMMONIUM ION' 'H4 N 1'
#
# COMPACT_ATOMS: atom_id res chain seq x y z
N SER A 2 -19.65 -17.74 -31.76
CA SER A 2 -20.69 -17.33 -30.80
C SER A 2 -20.59 -15.85 -30.47
N ASN A 3 -20.80 -15.47 -29.23
CA ASN A 3 -20.97 -14.04 -29.03
C ASN A 3 -19.70 -13.33 -28.69
N ARG A 4 -19.74 -12.03 -28.89
CA ARG A 4 -18.59 -11.20 -28.65
C ARG A 4 -18.70 -10.71 -27.22
N THR A 5 -17.73 -11.14 -26.45
CA THR A 5 -17.59 -10.66 -25.09
C THR A 5 -16.32 -9.81 -25.09
N LEU A 6 -16.45 -8.54 -24.72
CA LEU A 6 -15.26 -7.66 -24.63
C LEU A 6 -14.49 -8.02 -23.40
N ILE A 7 -13.15 -8.06 -23.51
N ILE A 7 -13.16 -8.01 -23.50
CA ILE A 7 -12.32 -8.17 -22.33
CA ILE A 7 -12.32 -8.17 -22.33
C ILE A 7 -12.04 -6.77 -21.82
C ILE A 7 -11.95 -6.80 -21.80
N VAL A 8 -12.26 -6.57 -20.52
CA VAL A 8 -12.07 -5.25 -19.89
C VAL A 8 -10.99 -5.39 -18.86
N THR A 9 -9.90 -4.66 -19.07
CA THR A 9 -8.83 -4.59 -18.07
C THR A 9 -9.16 -3.53 -17.03
N THR A 10 -8.84 -3.83 -15.79
CA THR A 10 -9.08 -2.84 -14.71
C THR A 10 -8.13 -3.17 -13.59
N ILE A 11 -8.23 -2.38 -12.52
CA ILE A 11 -7.24 -2.46 -11.43
C ILE A 11 -7.97 -2.21 -10.12
N LEU A 12 -7.63 -2.96 -9.09
CA LEU A 12 -8.23 -2.69 -7.75
C LEU A 12 -7.77 -1.31 -7.28
N GLU A 13 -8.74 -0.47 -6.93
CA GLU A 13 -8.43 0.87 -6.47
C GLU A 13 -9.74 1.37 -5.83
N GLU A 14 -9.68 1.70 -4.54
CA GLU A 14 -10.96 2.08 -3.83
C GLU A 14 -11.34 3.50 -4.24
N PRO A 15 -12.64 3.77 -4.52
CA PRO A 15 -13.82 2.88 -4.56
C PRO A 15 -14.21 2.56 -6.00
N TYR A 16 -13.25 2.67 -6.92
CA TYR A 16 -13.51 2.35 -8.34
C TYR A 16 -13.74 0.88 -8.58
N VAL A 17 -12.87 0.03 -8.00
CA VAL A 17 -12.89 -1.44 -8.26
C VAL A 17 -12.43 -2.04 -6.94
N MET A 18 -13.31 -2.83 -6.32
N MET A 18 -13.29 -2.89 -6.39
CA MET A 18 -12.96 -3.56 -5.10
CA MET A 18 -13.06 -3.53 -5.10
C MET A 18 -13.45 -4.97 -5.20
C MET A 18 -13.59 -4.95 -5.07
N TYR A 19 -12.91 -5.81 -4.32
CA TYR A 19 -13.47 -7.15 -4.09
C TYR A 19 -14.78 -6.98 -3.30
N ARG A 20 -15.82 -7.68 -3.78
CA ARG A 20 -17.12 -7.67 -3.10
C ARG A 20 -17.02 -8.52 -1.83
N LYS A 21 -17.67 -8.07 -0.75
CA LYS A 21 -17.67 -8.84 0.50
C LYS A 21 -18.47 -10.12 0.30
N SER A 22 -17.96 -11.22 0.84
CA SER A 22 -18.55 -12.55 0.63
C SER A 22 -18.13 -13.53 1.70
N ASP A 23 -19.03 -14.48 1.99
N ASP A 23 -19.01 -14.48 2.02
CA ASP A 23 -18.79 -15.56 2.96
CA ASP A 23 -18.66 -15.55 2.97
C ASP A 23 -18.41 -16.87 2.26
C ASP A 23 -18.08 -16.75 2.24
N LYS A 24 -18.33 -16.81 0.92
CA LYS A 24 -17.91 -17.93 0.09
C LYS A 24 -17.16 -17.38 -1.13
N PRO A 25 -16.29 -18.19 -1.75
CA PRO A 25 -15.60 -17.77 -2.97
C PRO A 25 -16.56 -17.35 -4.06
N LEU A 26 -16.21 -16.23 -4.69
CA LEU A 26 -16.90 -15.72 -5.85
C LEU A 26 -16.02 -15.87 -7.07
N TYR A 27 -16.68 -15.87 -8.23
CA TYR A 27 -16.02 -16.14 -9.48
C TYR A 27 -16.53 -15.14 -10.51
N GLY A 28 -15.72 -14.92 -11.52
CA GLY A 28 -16.14 -14.04 -12.61
C GLY A 28 -16.34 -12.60 -12.21
N ASN A 29 -17.24 -11.94 -12.90
CA ASN A 29 -17.42 -10.51 -12.70
C ASN A 29 -18.00 -10.23 -11.33
N ASP A 30 -18.67 -11.23 -10.75
N ASP A 30 -18.70 -11.21 -10.75
CA ASP A 30 -19.29 -11.09 -9.42
CA ASP A 30 -19.31 -11.02 -9.42
C ASP A 30 -18.29 -10.88 -8.30
C ASP A 30 -18.27 -10.78 -8.31
N ARG A 31 -17.00 -11.08 -8.60
CA ARG A 31 -15.94 -10.85 -7.57
C ARG A 31 -15.82 -9.39 -7.23
N PHE A 32 -16.32 -8.52 -8.11
CA PHE A 32 -15.95 -7.08 -8.08
C PHE A 32 -17.15 -6.18 -7.97
N GLU A 33 -16.94 -5.01 -7.35
CA GLU A 33 -17.95 -3.97 -7.26
C GLU A 33 -17.21 -2.64 -7.25
N GLY A 34 -17.94 -1.56 -7.48
CA GLY A 34 -17.37 -0.22 -7.37
C GLY A 34 -17.85 0.68 -8.47
N TYR A 35 -17.38 1.92 -8.40
CA TYR A 35 -17.79 2.90 -9.39
C TYR A 35 -17.50 2.40 -10.83
N CYS A 36 -16.32 1.84 -11.08
CA CYS A 36 -16.01 1.45 -12.45
C CYS A 36 -16.82 0.26 -12.91
N LEU A 37 -17.23 -0.63 -11.98
CA LEU A 37 -18.13 -1.73 -12.34
C LEU A 37 -19.49 -1.20 -12.71
N ASP A 38 -19.96 -0.18 -12.00
CA ASP A 38 -21.27 0.40 -12.35
C ASP A 38 -21.15 1.14 -13.69
N LEU A 39 -20.04 1.87 -13.91
CA LEU A 39 -19.85 2.57 -15.17
C LEU A 39 -19.85 1.55 -16.31
N LEU A 40 -19.12 0.47 -16.12
CA LEU A 40 -19.02 -0.54 -17.19
C LEU A 40 -20.42 -1.10 -17.50
N LYS A 41 -21.19 -1.41 -16.49
CA LYS A 41 -22.57 -1.90 -16.71
C LYS A 41 -23.37 -0.89 -17.49
N GLU A 42 -23.27 0.40 -17.12
CA GLU A 42 -24.06 1.43 -17.80
C GLU A 42 -23.64 1.58 -19.25
N LEU A 43 -22.33 1.53 -19.50
CA LEU A 43 -21.85 1.61 -20.88
C LEU A 43 -22.35 0.41 -21.71
N SER A 44 -22.31 -0.77 -21.10
N SER A 44 -22.36 -0.78 -21.10
CA SER A 44 -22.69 -2.03 -21.76
CA SER A 44 -22.68 -2.02 -21.83
C SER A 44 -24.11 -1.92 -22.29
C SER A 44 -24.14 -2.01 -22.24
N ASN A 45 -24.94 -1.21 -21.54
CA ASN A 45 -26.35 -1.12 -21.85
C ASN A 45 -26.78 0.03 -22.74
N ILE A 46 -25.76 0.81 -23.12
CA ILE A 46 -25.94 1.86 -24.10
C ILE A 46 -25.36 1.38 -25.43
N LEU A 47 -24.14 0.85 -25.41
CA LEU A 47 -23.47 0.41 -26.64
C LEU A 47 -24.02 -0.94 -27.03
N GLY A 48 -24.36 -1.75 -26.04
CA GLY A 48 -24.80 -3.17 -26.29
C GLY A 48 -23.58 -4.07 -26.38
N PHE A 49 -23.06 -4.53 -25.23
CA PHE A 49 -22.02 -5.55 -25.30
C PHE A 49 -21.99 -6.39 -24.07
N LEU A 50 -21.47 -7.63 -24.20
CA LEU A 50 -21.17 -8.48 -23.05
C LEU A 50 -19.68 -8.25 -22.71
N TYR A 51 -19.32 -8.52 -21.47
CA TYR A 51 -17.94 -8.23 -21.03
C TYR A 51 -17.47 -9.16 -19.94
N ASP A 52 -16.14 -9.25 -19.85
N ASP A 52 -16.17 -9.43 -19.94
CA ASP A 52 -15.41 -10.14 -18.95
CA ASP A 52 -15.50 -10.13 -18.85
C ASP A 52 -14.31 -9.28 -18.32
C ASP A 52 -14.46 -9.16 -18.33
N VAL A 53 -14.41 -9.01 -17.02
CA VAL A 53 -13.46 -8.17 -16.33
C VAL A 53 -12.25 -8.99 -15.95
N LYS A 54 -11.08 -8.46 -16.29
CA LYS A 54 -9.83 -9.08 -15.93
C LYS A 54 -8.91 -8.09 -15.25
N LEU A 55 -8.55 -8.37 -14.00
CA LEU A 55 -7.64 -7.45 -13.32
C LEU A 55 -6.28 -7.46 -14.09
N VAL A 56 -5.68 -6.30 -14.25
CA VAL A 56 -4.37 -6.27 -14.93
C VAL A 56 -3.38 -7.09 -14.08
N PRO A 57 -2.74 -8.11 -14.67
CA PRO A 57 -1.93 -8.98 -13.80
C PRO A 57 -0.83 -8.31 -12.99
N ASP A 58 -0.15 -7.35 -13.58
CA ASP A 58 0.96 -6.71 -12.89
C ASP A 58 0.55 -5.65 -11.90
N GLY A 59 -0.78 -5.38 -11.82
CA GLY A 59 -1.29 -4.37 -10.94
C GLY A 59 -0.87 -2.95 -11.21
N LYS A 60 -0.49 -2.66 -12.45
CA LYS A 60 -0.05 -1.31 -12.77
C LYS A 60 -0.95 -0.60 -13.78
N TYR A 61 -0.98 0.73 -13.70
CA TYR A 61 -1.80 1.52 -14.64
C TYR A 61 -1.16 1.56 -16.01
N GLY A 62 0.14 1.85 -16.03
CA GLY A 62 0.88 1.84 -17.31
C GLY A 62 1.89 2.96 -17.38
N ALA A 63 3.16 2.58 -17.50
CA ALA A 63 4.26 3.51 -17.60
C ALA A 63 5.32 2.85 -18.43
N GLN A 64 6.30 3.65 -18.80
CA GLN A 64 7.42 3.18 -19.60
C GLN A 64 8.63 2.97 -18.71
N ASN A 65 9.31 1.84 -18.89
CA ASN A 65 10.58 1.62 -18.20
C ASN A 65 11.71 2.36 -18.92
N ASP A 66 12.93 2.07 -18.48
CA ASP A 66 14.15 2.72 -18.95
C ASP A 66 14.48 2.43 -20.41
N LYS A 67 13.88 1.37 -20.94
CA LYS A 67 14.02 0.94 -22.33
C LYS A 67 12.87 1.43 -23.22
N GLY A 68 11.87 2.06 -22.60
CA GLY A 68 10.72 2.60 -23.32
C GLY A 68 9.59 1.60 -23.49
N GLU A 69 9.67 0.48 -22.77
CA GLU A 69 8.68 -0.57 -22.93
C GLU A 69 7.53 -0.25 -21.97
N TRP A 70 6.30 -0.55 -22.36
CA TRP A 70 5.14 -0.23 -21.52
C TRP A 70 4.71 -1.42 -20.71
N ASN A 71 4.06 -1.12 -19.58
CA ASN A 71 3.47 -2.16 -18.74
C ASN A 71 1.99 -1.86 -18.41
N GLY A 72 1.43 -2.61 -17.47
CA GLY A 72 0.09 -2.30 -16.93
C GLY A 72 -1.06 -2.34 -17.91
N MET A 73 -2.14 -1.63 -17.57
CA MET A 73 -3.32 -1.65 -18.43
C MET A 73 -2.99 -1.11 -19.83
N VAL A 74 -2.12 -0.09 -19.92
CA VAL A 74 -1.72 0.47 -21.24
C VAL A 74 -1.17 -0.68 -22.12
N LYS A 75 -0.27 -1.52 -21.56
CA LYS A 75 0.34 -2.58 -22.35
C LYS A 75 -0.70 -3.63 -22.74
N GLU A 76 -1.67 -3.89 -21.84
CA GLU A 76 -2.71 -4.84 -22.22
C GLU A 76 -3.47 -4.33 -23.46
N LEU A 77 -3.73 -3.03 -23.54
CA LEU A 77 -4.41 -2.42 -24.72
C LEU A 77 -3.51 -2.49 -25.95
N ILE A 78 -2.23 -2.11 -25.79
CA ILE A 78 -1.30 -2.09 -26.92
C ILE A 78 -1.24 -3.50 -27.55
N ASP A 79 -1.21 -4.52 -26.69
CA ASP A 79 -1.08 -5.89 -27.17
C ASP A 79 -2.41 -6.53 -27.58
N HIS A 80 -3.50 -5.78 -27.46
CA HIS A 80 -4.86 -6.25 -27.82
C HIS A 80 -5.24 -7.45 -26.95
N ARG A 81 -4.77 -7.48 -25.71
CA ARG A 81 -5.27 -8.46 -24.74
C ARG A 81 -6.49 -7.93 -23.96
N ALA A 82 -6.81 -6.67 -24.12
CA ALA A 82 -8.08 -6.12 -23.64
C ALA A 82 -8.68 -5.25 -24.71
N ASP A 83 -10.01 -5.20 -24.72
CA ASP A 83 -10.72 -4.28 -25.62
C ASP A 83 -10.88 -2.89 -25.02
N LEU A 84 -11.12 -2.85 -23.70
CA LEU A 84 -11.31 -1.56 -23.01
C LEU A 84 -10.57 -1.58 -21.71
N ALA A 85 -10.14 -0.41 -21.23
CA ALA A 85 -9.64 -0.30 -19.85
C ALA A 85 -10.64 0.63 -19.16
N VAL A 86 -11.46 0.07 -18.26
CA VAL A 86 -12.45 0.86 -17.53
C VAL A 86 -11.95 0.94 -16.09
N ALA A 87 -11.33 2.09 -15.81
CA ALA A 87 -10.51 2.29 -14.60
C ALA A 87 -10.24 3.78 -14.54
N PRO A 88 -9.76 4.28 -13.39
CA PRO A 88 -9.39 5.69 -13.30
C PRO A 88 -8.02 5.87 -13.94
N LEU A 89 -8.01 5.79 -15.28
CA LEU A 89 -6.79 5.89 -16.08
C LEU A 89 -6.61 7.30 -16.55
N THR A 90 -5.57 7.96 -16.05
CA THR A 90 -5.39 9.37 -16.34
C THR A 90 -5.01 9.56 -17.81
N ILE A 91 -5.67 10.50 -18.46
CA ILE A 91 -5.37 10.86 -19.84
C ILE A 91 -4.13 11.74 -19.82
N THR A 92 -3.03 11.22 -20.39
CA THR A 92 -1.76 11.93 -20.42
C THR A 92 -1.16 11.98 -21.81
N TYR A 93 -0.23 12.92 -22.04
CA TYR A 93 0.42 13.08 -23.33
C TYR A 93 1.11 11.77 -23.75
N VAL A 94 1.93 11.21 -22.85
CA VAL A 94 2.70 10.03 -23.25
C VAL A 94 1.82 8.83 -23.58
N ARG A 95 0.73 8.68 -22.83
CA ARG A 95 -0.19 7.56 -23.09
C ARG A 95 -0.97 7.76 -24.38
N GLU A 96 -1.29 9.02 -24.72
CA GLU A 96 -2.00 9.31 -25.98
C GLU A 96 -1.21 8.88 -27.21
N LYS A 97 0.09 8.76 -27.09
CA LYS A 97 0.91 8.30 -28.20
C LYS A 97 0.76 6.82 -28.48
N VAL A 98 0.25 6.04 -27.51
CA VAL A 98 0.22 4.60 -27.68
C VAL A 98 -1.14 3.93 -27.54
N ILE A 99 -2.12 4.63 -26.90
CA ILE A 99 -3.48 4.14 -26.80
C ILE A 99 -4.44 5.30 -27.06
N ASP A 100 -5.70 4.95 -27.22
CA ASP A 100 -6.72 5.98 -27.37
C ASP A 100 -7.52 6.07 -26.07
N PHE A 101 -8.14 7.26 -25.90
CA PHE A 101 -9.01 7.47 -24.74
C PHE A 101 -10.36 8.05 -25.21
N SER A 102 -11.42 7.63 -24.49
CA SER A 102 -12.69 8.31 -24.59
C SER A 102 -12.59 9.71 -24.00
N LYS A 103 -13.65 10.50 -24.15
CA LYS A 103 -13.73 11.72 -23.33
C LYS A 103 -13.67 11.34 -21.85
N PRO A 104 -13.23 12.27 -20.99
CA PRO A 104 -13.18 11.86 -19.60
C PRO A 104 -14.53 11.59 -18.99
N PHE A 105 -14.56 10.61 -18.09
CA PHE A 105 -15.75 10.39 -17.25
C PHE A 105 -15.65 11.09 -15.92
N MET A 106 -14.44 11.56 -15.59
CA MET A 106 -14.25 12.41 -14.38
C MET A 106 -13.18 13.41 -14.72
N THR A 107 -13.34 14.60 -14.18
N THR A 107 -13.34 14.65 -14.25
CA THR A 107 -12.30 15.63 -14.29
CA THR A 107 -12.28 15.69 -14.36
C THR A 107 -11.85 15.95 -12.88
C THR A 107 -11.89 16.20 -12.98
N LEU A 108 -10.59 16.33 -12.75
CA LEU A 108 -10.04 16.44 -11.38
C LEU A 108 -8.69 17.16 -11.46
N GLY A 109 -7.96 17.15 -10.34
CA GLY A 109 -6.62 17.76 -10.36
C GLY A 109 -5.92 17.34 -9.10
N ILE A 110 -4.85 18.03 -8.79
CA ILE A 110 -4.17 17.83 -7.49
C ILE A 110 -4.65 18.92 -6.55
N SER A 111 -4.81 18.57 -5.28
CA SER A 111 -5.18 19.59 -4.29
C SER A 111 -4.49 19.24 -2.97
N ILE A 112 -4.87 19.92 -1.88
CA ILE A 112 -4.22 19.79 -0.59
C ILE A 112 -5.19 19.20 0.42
N LEU A 113 -4.75 18.18 1.16
CA LEU A 113 -5.50 17.58 2.29
C LEU A 113 -4.86 18.12 3.55
N TYR A 114 -5.66 18.77 4.41
CA TYR A 114 -5.08 19.33 5.64
C TYR A 114 -6.17 19.39 6.71
N ARG A 115 -5.83 19.77 7.92
CA ARG A 115 -6.85 20.00 8.96
C ARG A 115 -7.72 21.20 8.69
N LYS A 116 -8.94 21.15 9.22
CA LYS A 116 -9.85 22.28 9.19
C LYS A 116 -9.41 23.32 10.21
N GLY A 117 -9.87 24.55 10.02
CA GLY A 117 -9.78 25.58 11.07
C GLY A 117 -8.50 26.37 11.09
N THR A 118 -7.71 26.27 10.03
CA THR A 118 -6.44 26.98 9.99
C THR A 118 -6.52 28.10 8.96
N PRO A 119 -5.51 28.99 8.94
CA PRO A 119 -5.47 30.06 7.95
C PRO A 119 -4.86 29.71 6.59
N ILE A 120 -4.43 28.47 6.39
CA ILE A 120 -3.85 28.05 5.14
C ILE A 120 -4.94 27.92 4.08
N ASP A 121 -4.73 28.55 2.93
CA ASP A 121 -5.79 28.64 1.93
C ASP A 121 -5.39 28.23 0.51
N SER A 122 -4.12 27.89 0.31
N SER A 122 -4.13 27.89 0.32
CA SER A 122 -3.54 27.74 -1.03
CA SER A 122 -3.61 27.58 -1.00
C SER A 122 -2.18 27.04 -0.97
C SER A 122 -2.19 27.02 -0.96
N ALA A 123 -1.73 26.50 -2.10
CA ALA A 123 -0.36 25.96 -2.23
C ALA A 123 0.62 27.10 -1.96
N ASP A 124 0.31 28.32 -2.41
N ASP A 124 0.30 28.29 -2.45
CA ASP A 124 1.22 29.44 -2.11
CA ASP A 124 1.13 29.45 -2.16
C ASP A 124 1.37 29.72 -0.62
C ASP A 124 1.38 29.63 -0.66
N ASP A 125 0.33 29.45 0.15
CA ASP A 125 0.44 29.62 1.61
C ASP A 125 1.41 28.58 2.14
N LEU A 126 1.37 27.37 1.60
CA LEU A 126 2.31 26.35 2.08
C LEU A 126 3.73 26.64 1.66
N ALA A 127 3.92 27.01 0.39
CA ALA A 127 5.25 27.20 -0.21
C ALA A 127 6.07 28.27 0.47
N LYS A 128 5.39 29.26 1.05
CA LYS A 128 6.08 30.45 1.63
C LYS A 128 6.42 30.33 3.13
N GLN A 129 6.23 29.14 3.70
CA GLN A 129 6.51 28.86 5.09
C GLN A 129 7.18 27.48 5.25
N THR A 130 7.72 27.18 6.44
CA THR A 130 8.31 25.85 6.68
C THR A 130 7.83 25.19 7.98
N LYS A 131 7.06 25.91 8.78
CA LYS A 131 6.51 25.34 10.01
C LYS A 131 5.60 24.12 9.78
N ILE A 132 4.67 24.27 8.85
CA ILE A 132 3.79 23.16 8.47
C ILE A 132 4.52 22.42 7.38
N GLU A 133 4.78 21.14 7.65
N GLU A 133 4.77 21.14 7.65
CA GLU A 133 5.42 20.28 6.68
CA GLU A 133 5.42 20.22 6.72
C GLU A 133 4.39 19.91 5.62
C GLU A 133 4.42 19.78 5.66
N TYR A 134 4.87 19.60 4.42
CA TYR A 134 3.95 19.14 3.35
C TYR A 134 4.69 18.25 2.37
N GLY A 135 3.95 17.34 1.75
CA GLY A 135 4.60 16.37 0.87
C GLY A 135 3.54 15.60 0.10
N ALA A 136 3.96 14.46 -0.44
CA ALA A 136 3.11 13.67 -1.33
C ALA A 136 3.55 12.22 -1.19
N VAL A 137 2.76 11.27 -1.74
CA VAL A 137 3.16 9.85 -1.74
C VAL A 137 4.33 9.66 -2.70
N ARG A 138 5.39 9.05 -2.19
N ARG A 138 5.43 9.11 -2.19
CA ARG A 138 6.60 8.77 -2.94
CA ARG A 138 6.63 8.96 -3.01
C ARG A 138 6.29 8.00 -4.22
C ARG A 138 6.35 8.04 -4.19
N ASP A 139 6.79 8.48 -5.37
CA ASP A 139 6.64 7.75 -6.64
C ASP A 139 5.22 7.79 -7.23
N GLY A 140 4.30 8.52 -6.59
CA GLY A 140 2.94 8.62 -7.13
C GLY A 140 2.78 9.70 -8.19
N SER A 141 1.59 9.83 -8.75
N SER A 141 1.56 9.78 -8.70
CA SER A 141 1.39 10.81 -9.84
CA SER A 141 1.23 10.72 -9.74
C SER A 141 1.56 12.24 -9.35
C SER A 141 1.54 12.16 -9.34
N THR A 142 1.11 12.53 -8.13
CA THR A 142 1.26 13.89 -7.64
C THR A 142 2.74 14.23 -7.39
N MET A 143 3.49 13.29 -6.82
CA MET A 143 4.91 13.57 -6.59
C MET A 143 5.59 13.80 -7.92
N THR A 144 5.25 12.99 -8.90
CA THR A 144 5.84 13.11 -10.25
C THR A 144 5.54 14.52 -10.86
N PHE A 145 4.31 15.00 -10.72
CA PHE A 145 4.01 16.38 -11.14
C PHE A 145 4.93 17.43 -10.53
N PHE A 146 5.16 17.36 -9.21
CA PHE A 146 5.98 18.36 -8.56
C PHE A 146 7.43 18.28 -8.98
N LYS A 147 7.91 17.05 -9.14
CA LYS A 147 9.30 16.79 -9.50
C LYS A 147 9.60 17.30 -10.91
N LYS A 148 8.60 17.23 -11.80
CA LYS A 148 8.79 17.64 -13.21
C LYS A 148 8.38 19.10 -13.46
N SER A 149 7.83 19.79 -12.46
CA SER A 149 7.20 21.08 -12.73
C SER A 149 8.22 22.16 -12.99
N LYS A 150 7.88 23.06 -13.91
CA LYS A 150 8.73 24.20 -14.22
C LYS A 150 8.15 25.44 -13.58
N ILE A 151 6.92 25.33 -13.11
CA ILE A 151 6.25 26.45 -12.47
C ILE A 151 6.90 26.80 -11.14
N SER A 152 7.12 28.08 -10.93
CA SER A 152 7.95 28.60 -9.84
C SER A 152 7.56 28.09 -8.45
N THR A 153 6.28 28.20 -8.10
CA THR A 153 5.90 27.95 -6.72
C THR A 153 5.96 26.46 -6.48
N TYR A 154 5.76 25.68 -7.56
CA TYR A 154 5.74 24.21 -7.43
C TYR A 154 7.18 23.70 -7.37
N GLU A 155 8.10 24.40 -8.05
CA GLU A 155 9.54 24.14 -7.93
C GLU A 155 10.01 24.34 -6.51
N LYS A 156 9.53 25.42 -5.89
CA LYS A 156 9.83 25.73 -4.48
C LYS A 156 9.28 24.65 -3.52
N MET A 157 8.08 24.19 -3.82
N MET A 157 8.07 24.18 -3.78
CA MET A 157 7.45 23.12 -3.06
CA MET A 157 7.52 23.12 -2.95
C MET A 157 8.23 21.84 -3.23
C MET A 157 8.22 21.79 -3.22
N TRP A 158 8.64 21.53 -4.45
CA TRP A 158 9.41 20.31 -4.68
C TRP A 158 10.75 20.36 -3.95
N ALA A 159 11.35 21.54 -3.88
CA ALA A 159 12.63 21.62 -3.14
C ALA A 159 12.42 21.33 -1.65
N PHE A 160 11.30 21.82 -1.11
CA PHE A 160 10.98 21.48 0.27
C PHE A 160 10.74 19.97 0.38
N MET A 161 9.89 19.41 -0.47
CA MET A 161 9.53 17.97 -0.38
C MET A 161 10.71 17.06 -0.49
N SER A 162 11.70 17.47 -1.30
CA SER A 162 12.83 16.59 -1.55
C SER A 162 13.99 16.87 -0.63
N SER A 163 13.90 17.94 0.15
CA SER A 163 14.97 18.27 1.11
C SER A 163 15.07 17.18 2.20
N ARG A 164 16.19 17.16 2.92
CA ARG A 164 16.26 16.33 4.15
C ARG A 164 15.93 14.86 3.88
N GLN A 165 16.61 14.26 2.91
CA GLN A 165 16.41 12.85 2.53
C GLN A 165 14.95 12.56 2.16
N GLN A 166 14.22 13.57 1.67
CA GLN A 166 12.82 13.38 1.28
C GLN A 166 11.95 12.94 2.45
N SER A 167 12.29 13.40 3.64
N SER A 167 12.27 13.42 3.64
CA SER A 167 11.52 13.04 4.84
CA SER A 167 11.50 13.08 4.87
C SER A 167 10.08 13.49 4.77
C SER A 167 10.08 13.60 4.87
N ALA A 168 9.78 14.55 3.99
CA ALA A 168 8.41 15.07 3.90
C ALA A 168 7.53 14.20 3.02
N LEU A 169 8.12 13.23 2.31
CA LEU A 169 7.26 12.33 1.49
C LEU A 169 6.75 11.21 2.35
N VAL A 170 5.69 10.55 1.88
CA VAL A 170 5.17 9.38 2.60
C VAL A 170 5.10 8.17 1.67
N LYS A 171 4.98 7.00 2.27
CA LYS A 171 5.08 5.76 1.52
C LYS A 171 3.84 5.43 0.68
N ASN A 172 2.68 5.73 1.24
CA ASN A 172 1.41 5.40 0.63
C ASN A 172 0.34 6.34 1.17
N SER A 173 -0.85 6.21 0.61
N SER A 173 -0.87 6.26 0.62
N SER A 173 -0.87 6.28 0.62
CA SER A 173 -1.95 7.10 0.94
CA SER A 173 -1.89 7.22 1.02
CA SER A 173 -1.87 7.28 1.03
C SER A 173 -2.33 6.98 2.41
C SER A 173 -2.34 7.00 2.46
C SER A 173 -2.41 7.01 2.45
N ASP A 174 -2.42 5.76 2.91
CA ASP A 174 -2.87 5.51 4.31
C ASP A 174 -1.92 6.18 5.31
N GLU A 175 -0.61 6.07 5.07
CA GLU A 175 0.35 6.73 5.96
C GLU A 175 0.25 8.26 5.82
N GLY A 176 0.04 8.73 4.60
CA GLY A 176 -0.16 10.17 4.34
C GLY A 176 -1.33 10.73 5.13
N ILE A 177 -2.47 10.04 5.05
CA ILE A 177 -3.69 10.50 5.77
C ILE A 177 -3.43 10.52 7.28
N GLN A 178 -2.84 9.43 7.79
N GLN A 178 -2.83 9.46 7.81
CA GLN A 178 -2.48 9.36 9.21
CA GLN A 178 -2.53 9.45 9.25
C GLN A 178 -1.51 10.47 9.64
C GLN A 178 -1.52 10.54 9.64
N ARG A 179 -0.53 10.77 8.78
CA ARG A 179 0.40 11.84 9.05
C ARG A 179 -0.33 13.21 9.12
N VAL A 180 -1.31 13.46 8.23
CA VAL A 180 -2.10 14.71 8.33
C VAL A 180 -2.87 14.74 9.66
N LEU A 181 -3.42 13.58 10.06
CA LEU A 181 -4.24 13.54 11.30
C LEU A 181 -3.44 13.70 12.59
N THR A 182 -2.20 13.20 12.61
CA THR A 182 -1.45 13.14 13.87
C THR A 182 -0.43 14.29 14.00
N THR A 183 0.00 14.88 12.89
CA THR A 183 1.07 15.85 12.93
C THR A 183 0.65 17.10 12.16
N ASP A 184 1.49 18.13 12.18
CA ASP A 184 1.17 19.37 11.46
C ASP A 184 1.73 19.18 10.05
N TYR A 185 0.92 18.52 9.22
CA TYR A 185 1.40 18.08 7.92
C TYR A 185 0.23 18.23 6.96
N ALA A 186 0.57 18.71 5.76
CA ALA A 186 -0.40 18.79 4.63
C ALA A 186 0.04 17.85 3.52
N LEU A 187 -0.92 17.10 2.99
CA LEU A 187 -0.64 16.15 1.93
C LEU A 187 -1.15 16.64 0.56
N LEU A 188 -0.29 16.67 -0.44
CA LEU A 188 -0.72 16.99 -1.80
C LEU A 188 -1.12 15.71 -2.43
N MET A 189 -2.35 15.68 -2.96
N MET A 189 -2.33 15.68 -3.01
CA MET A 189 -2.99 14.43 -3.38
CA MET A 189 -2.82 14.42 -3.57
C MET A 189 -3.94 14.71 -4.54
C MET A 189 -3.94 14.69 -4.53
N GLU A 190 -4.23 13.70 -5.36
CA GLU A 190 -5.27 13.82 -6.36
C GLU A 190 -6.59 14.15 -5.68
N SER A 191 -7.37 15.05 -6.29
CA SER A 191 -8.59 15.61 -5.66
C SER A 191 -9.69 14.57 -5.44
N THR A 192 -9.73 13.59 -6.34
CA THR A 192 -10.74 12.51 -6.16
C THR A 192 -10.42 11.71 -4.90
N SER A 193 -9.12 11.47 -4.63
CA SER A 193 -8.71 10.75 -3.42
C SER A 193 -8.97 11.61 -2.19
N ILE A 194 -8.68 12.91 -2.27
CA ILE A 194 -8.99 13.84 -1.14
C ILE A 194 -10.49 13.82 -0.84
N GLU A 195 -11.32 13.88 -1.88
CA GLU A 195 -12.80 13.87 -1.64
C GLU A 195 -13.23 12.60 -0.87
N TYR A 196 -12.64 11.46 -1.23
CA TYR A 196 -12.95 10.19 -0.60
C TYR A 196 -12.59 10.25 0.89
N VAL A 197 -11.41 10.80 1.16
CA VAL A 197 -10.90 10.94 2.53
C VAL A 197 -11.72 11.91 3.34
N THR A 198 -12.09 13.06 2.78
CA THR A 198 -12.76 14.08 3.62
C THR A 198 -14.22 13.67 3.97
N GLN A 199 -14.82 12.82 3.13
CA GLN A 199 -16.11 12.20 3.46
C GLN A 199 -16.04 11.27 4.65
N ARG A 200 -14.85 10.76 4.96
CA ARG A 200 -14.63 9.76 6.00
C ARG A 200 -13.88 10.29 7.23
N ASN A 201 -13.40 11.52 7.16
CA ASN A 201 -12.58 12.09 8.27
C ASN A 201 -13.07 13.53 8.41
N CYS A 202 -13.96 13.77 9.38
N CYS A 202 -13.99 13.78 9.37
CA CYS A 202 -14.68 15.05 9.44
CA CYS A 202 -14.68 15.07 9.41
C CYS A 202 -13.82 16.24 9.88
C CYS A 202 -13.81 16.26 9.85
N ASN A 203 -12.63 15.97 10.38
CA ASN A 203 -11.70 17.01 10.80
C ASN A 203 -10.74 17.46 9.70
N LEU A 204 -10.82 16.81 8.54
CA LEU A 204 -9.94 17.15 7.40
C LEU A 204 -10.72 17.86 6.32
N THR A 205 -9.98 18.63 5.52
CA THR A 205 -10.60 19.38 4.46
C THR A 205 -9.70 19.45 3.26
N GLN A 206 -10.29 19.73 2.10
CA GLN A 206 -9.53 20.10 0.91
C GLN A 206 -9.22 21.59 1.00
N ILE A 207 -7.94 21.93 0.81
CA ILE A 207 -7.47 23.35 0.92
C ILE A 207 -7.22 23.82 -0.52
N GLY A 208 -7.79 24.97 -0.91
CA GLY A 208 -7.44 25.57 -2.18
C GLY A 208 -8.09 24.89 -3.38
N GLY A 209 -7.69 25.29 -4.58
CA GLY A 209 -8.36 24.75 -5.74
C GLY A 209 -7.54 23.62 -6.33
N LEU A 210 -7.69 23.44 -7.64
CA LEU A 210 -7.02 22.37 -8.35
C LEU A 210 -5.78 22.87 -9.06
N ILE A 211 -4.79 21.98 -9.04
CA ILE A 211 -3.51 22.05 -9.77
C ILE A 211 -3.50 20.91 -10.79
N ASP A 212 -2.83 21.08 -11.93
CA ASP A 212 -2.60 19.95 -12.86
C ASP A 212 -3.94 19.32 -13.28
N SER A 213 -4.86 20.15 -13.78
N SER A 213 -4.85 20.14 -13.80
CA SER A 213 -6.15 19.63 -14.23
CA SER A 213 -6.18 19.64 -14.19
C SER A 213 -5.91 18.42 -15.13
C SER A 213 -6.11 18.54 -15.26
N LYS A 214 -6.78 17.41 -14.97
CA LYS A 214 -6.68 16.23 -15.83
C LYS A 214 -7.96 15.46 -15.73
N GLY A 215 -8.06 14.42 -16.56
CA GLY A 215 -9.28 13.67 -16.61
C GLY A 215 -8.94 12.16 -16.57
N TYR A 216 -9.93 11.37 -16.16
CA TYR A 216 -9.84 9.93 -16.30
C TYR A 216 -10.68 9.51 -17.48
N GLY A 217 -10.11 8.69 -18.34
CA GLY A 217 -10.90 8.21 -19.51
C GLY A 217 -10.89 6.71 -19.63
N VAL A 218 -11.81 6.18 -20.42
CA VAL A 218 -11.77 4.75 -20.80
C VAL A 218 -10.71 4.58 -21.87
N GLY A 219 -9.78 3.66 -21.65
CA GLY A 219 -8.71 3.41 -22.63
C GLY A 219 -9.15 2.38 -23.66
N THR A 220 -8.71 2.58 -24.90
CA THR A 220 -8.91 1.54 -25.91
C THR A 220 -7.61 1.43 -26.72
N PRO A 221 -7.44 0.31 -27.45
CA PRO A 221 -6.26 0.31 -28.36
C PRO A 221 -6.41 1.40 -29.41
N ILE A 222 -5.27 1.85 -29.93
CA ILE A 222 -5.33 2.83 -31.02
C ILE A 222 -6.18 2.32 -32.17
N GLY A 223 -7.05 3.20 -32.67
CA GLY A 223 -7.88 2.88 -33.82
C GLY A 223 -9.20 2.20 -33.48
N SER A 224 -9.41 1.86 -32.21
CA SER A 224 -10.61 1.13 -31.86
C SER A 224 -11.88 1.91 -32.19
N PRO A 225 -12.86 1.27 -32.83
CA PRO A 225 -14.13 1.91 -33.09
C PRO A 225 -14.95 2.10 -31.82
N TYR A 226 -14.57 1.44 -30.72
CA TYR A 226 -15.30 1.63 -29.50
C TYR A 226 -15.07 2.97 -28.85
N ARG A 227 -13.95 3.63 -29.17
CA ARG A 227 -13.57 4.82 -28.40
C ARG A 227 -14.66 5.89 -28.54
N ASP A 228 -15.04 6.21 -29.78
CA ASP A 228 -16.05 7.28 -29.97
C ASP A 228 -17.40 6.86 -29.49
N LYS A 229 -17.70 5.57 -29.56
CA LYS A 229 -19.00 5.10 -29.07
C LYS A 229 -19.08 5.27 -27.55
N ILE A 230 -17.94 5.03 -26.87
N ILE A 230 -17.96 5.08 -26.83
CA ILE A 230 -17.82 5.21 -25.43
CA ILE A 230 -17.97 5.26 -25.37
C ILE A 230 -18.06 6.68 -25.07
C ILE A 230 -18.05 6.73 -25.01
N THR A 231 -17.42 7.59 -25.81
CA THR A 231 -17.63 9.02 -25.60
C THR A 231 -19.11 9.39 -25.68
N ILE A 232 -19.77 8.92 -26.74
CA ILE A 232 -21.20 9.21 -26.92
C ILE A 232 -21.99 8.69 -25.69
N ALA A 233 -21.60 7.50 -25.20
CA ALA A 233 -22.31 6.92 -24.07
C ALA A 233 -22.07 7.73 -22.79
N ILE A 234 -20.84 8.21 -22.60
CA ILE A 234 -20.53 9.02 -21.42
C ILE A 234 -21.35 10.30 -21.43
N LEU A 235 -21.52 10.91 -22.62
CA LEU A 235 -22.39 12.10 -22.75
C LEU A 235 -23.81 11.80 -22.33
N GLN A 236 -24.32 10.65 -22.73
CA GLN A 236 -25.68 10.27 -22.37
C GLN A 236 -25.76 10.11 -20.85
N LEU A 237 -24.78 9.45 -20.24
CA LEU A 237 -24.80 9.26 -18.80
C LEU A 237 -24.73 10.61 -18.05
N GLN A 238 -23.99 11.55 -18.62
CA GLN A 238 -23.99 12.91 -18.07
C GLN A 238 -25.39 13.53 -18.11
N GLU A 239 -26.04 13.48 -19.27
N GLU A 239 -26.01 13.49 -19.29
CA GLU A 239 -27.38 14.08 -19.47
CA GLU A 239 -27.35 14.03 -19.48
C GLU A 239 -28.45 13.44 -18.58
C GLU A 239 -28.25 13.50 -18.38
N GLU A 240 -28.22 12.17 -18.23
CA GLU A 240 -29.15 11.44 -17.37
C GLU A 240 -28.86 11.63 -15.90
N GLY A 241 -27.74 12.29 -15.60
CA GLY A 241 -27.33 12.51 -14.22
C GLY A 241 -26.70 11.29 -13.59
N LYS A 242 -26.38 10.28 -14.41
CA LYS A 242 -25.88 9.00 -13.86
C LYS A 242 -24.46 9.08 -13.35
N LEU A 243 -23.60 9.89 -13.98
CA LEU A 243 -22.25 10.01 -13.44
C LEU A 243 -22.26 10.64 -12.05
N HIS A 244 -23.11 11.65 -11.85
CA HIS A 244 -23.23 12.25 -10.52
C HIS A 244 -23.77 11.23 -9.52
N MET A 245 -24.77 10.47 -9.95
CA MET A 245 -25.37 9.44 -9.06
C MET A 245 -24.29 8.45 -8.63
N MET A 246 -23.47 7.99 -9.60
CA MET A 246 -22.51 6.95 -9.29
C MET A 246 -21.41 7.51 -8.36
N LYS A 247 -21.02 8.75 -8.59
CA LYS A 247 -20.02 9.41 -7.72
C LYS A 247 -20.56 9.46 -6.31
N GLU A 248 -21.83 9.87 -6.13
CA GLU A 248 -22.40 9.97 -4.79
C GLU A 248 -22.41 8.61 -4.13
N LYS A 249 -22.80 7.58 -4.89
CA LYS A 249 -22.96 6.25 -4.34
C LYS A 249 -21.67 5.77 -3.74
N TRP A 250 -20.59 5.99 -4.49
CA TRP A 250 -19.32 5.37 -4.05
C TRP A 250 -18.44 6.27 -3.20
N TRP A 251 -18.68 7.58 -3.21
CA TRP A 251 -17.86 8.49 -2.38
C TRP A 251 -18.51 8.83 -1.06
N ARG A 252 -19.83 8.74 -0.96
CA ARG A 252 -20.47 9.18 0.31
C ARG A 252 -19.96 8.42 1.53
N GLY A 253 -19.79 9.15 2.64
CA GLY A 253 -19.40 8.53 3.90
C GLY A 253 -20.50 8.59 4.96
N ASN A 254 -20.09 8.53 6.24
CA ASN A 254 -21.02 8.51 7.40
C ASN A 254 -21.71 9.84 7.69
N GLY A 255 -21.39 10.85 6.89
CA GLY A 255 -21.83 12.21 7.12
C GLY A 255 -20.96 12.85 8.21
N CYS A 256 -20.90 14.18 8.19
CA CYS A 256 -20.14 14.94 9.15
C CYS A 256 -21.04 16.02 9.76
N PRO A 257 -21.09 16.11 11.11
CA PRO A 257 -22.10 16.97 11.73
C PRO A 257 -21.77 18.46 11.63
N ARG B 4 44.35 -26.33 16.05
CA ARG B 4 43.63 -26.60 17.36
C ARG B 4 42.36 -27.39 17.13
N THR B 5 42.24 -28.43 17.94
CA THR B 5 41.09 -29.30 17.88
C THR B 5 40.07 -28.95 18.97
N LEU B 6 38.92 -28.48 18.53
CA LEU B 6 37.85 -28.18 19.46
C LEU B 6 37.25 -29.48 20.00
N ILE B 7 36.93 -29.47 21.30
CA ILE B 7 36.20 -30.58 21.88
C ILE B 7 34.72 -30.26 21.81
N VAL B 8 34.00 -31.15 21.13
CA VAL B 8 32.55 -30.98 20.90
C VAL B 8 31.80 -32.00 21.72
N THR B 9 31.05 -31.52 22.71
CA THR B 9 30.21 -32.43 23.50
C THR B 9 28.92 -32.68 22.75
N THR B 10 28.42 -33.91 22.83
CA THR B 10 27.15 -34.23 22.16
C THR B 10 26.53 -35.42 22.89
N ILE B 11 25.36 -35.82 22.39
CA ILE B 11 24.62 -36.90 23.05
C ILE B 11 23.95 -37.74 21.96
N LEU B 12 23.86 -39.06 22.20
CA LEU B 12 23.18 -39.94 21.23
C LEU B 12 21.69 -39.63 21.27
N GLU B 13 21.10 -39.32 20.11
CA GLU B 13 19.66 -39.02 20.01
C GLU B 13 19.31 -39.12 18.53
N GLU B 14 18.41 -40.06 18.17
CA GLU B 14 18.09 -40.31 16.76
C GLU B 14 17.19 -39.19 16.22
N PRO B 15 17.48 -38.69 15.01
CA PRO B 15 18.61 -38.99 14.08
C PRO B 15 19.69 -37.89 14.10
N TYR B 16 19.76 -37.13 15.18
CA TYR B 16 20.76 -36.06 15.31
C TYR B 16 22.20 -36.65 15.44
N VAL B 17 22.34 -37.69 16.28
CA VAL B 17 23.67 -38.27 16.61
C VAL B 17 23.42 -39.72 16.89
N MET B 18 24.05 -40.58 16.09
CA MET B 18 23.83 -42.01 16.17
C MET B 18 25.16 -42.71 15.98
N TYR B 19 25.30 -43.88 16.60
CA TYR B 19 26.40 -44.74 16.24
C TYR B 19 26.21 -45.22 14.80
N ARG B 20 27.28 -45.14 14.02
CA ARG B 20 27.26 -45.62 12.63
C ARG B 20 27.24 -47.15 12.61
N LYS B 21 26.44 -47.72 11.70
CA LYS B 21 26.41 -49.19 11.57
C LYS B 21 27.77 -49.68 11.08
N SER B 22 28.26 -50.79 11.62
CA SER B 22 29.58 -51.29 11.27
C SER B 22 29.70 -52.76 11.64
N ASP B 23 30.62 -53.50 11.04
N ASP B 23 30.65 -53.43 10.97
CA ASP B 23 30.82 -54.88 11.47
CA ASP B 23 30.98 -54.85 11.12
C ASP B 23 32.18 -55.05 12.18
C ASP B 23 32.29 -55.03 11.91
N LYS B 24 32.83 -53.93 12.42
CA LYS B 24 34.09 -53.91 13.15
C LYS B 24 34.22 -52.59 13.89
N PRO B 25 35.07 -52.57 14.94
CA PRO B 25 35.14 -51.35 15.70
C PRO B 25 35.55 -50.12 14.89
N LEU B 26 34.81 -49.04 15.10
CA LEU B 26 35.12 -47.70 14.60
C LEU B 26 35.70 -46.89 15.71
N TYR B 27 36.49 -45.89 15.32
CA TYR B 27 37.17 -45.01 16.25
C TYR B 27 37.01 -43.56 15.92
N GLY B 28 37.08 -42.75 16.97
CA GLY B 28 37.07 -41.33 16.78
C GLY B 28 35.77 -40.82 16.21
N ASN B 29 35.85 -39.74 15.45
CA ASN B 29 34.63 -39.17 14.90
C ASN B 29 33.86 -40.10 13.95
N ASP B 30 34.56 -41.06 13.37
CA ASP B 30 33.97 -42.05 12.45
C ASP B 30 32.92 -42.90 13.15
N ARG B 31 32.91 -42.88 14.48
CA ARG B 31 31.93 -43.68 15.21
C ARG B 31 30.50 -43.20 14.98
N PHE B 32 30.36 -41.92 14.58
CA PHE B 32 29.07 -41.23 14.67
C PHE B 32 28.62 -40.70 13.34
N GLU B 33 27.31 -40.65 13.19
CA GLU B 33 26.69 -40.00 12.04
C GLU B 33 25.39 -39.34 12.46
N GLY B 34 24.82 -38.51 11.58
CA GLY B 34 23.50 -37.93 11.85
C GLY B 34 23.45 -36.46 11.48
N TYR B 35 22.29 -35.87 11.69
CA TYR B 35 22.10 -34.46 11.32
C TYR B 35 23.13 -33.56 11.99
N CYS B 36 23.36 -33.75 13.29
CA CYS B 36 24.28 -32.85 14.02
C CYS B 36 25.71 -33.07 13.57
N LEU B 37 26.09 -34.29 13.14
CA LEU B 37 27.45 -34.48 12.63
C LEU B 37 27.62 -33.77 11.31
N ASP B 38 26.59 -33.82 10.46
CA ASP B 38 26.62 -33.06 9.20
C ASP B 38 26.71 -31.56 9.48
N LEU B 39 25.92 -31.08 10.44
CA LEU B 39 25.96 -29.67 10.80
C LEU B 39 27.34 -29.26 11.29
N LEU B 40 27.93 -30.14 12.11
CA LEU B 40 29.25 -29.86 12.70
C LEU B 40 30.28 -29.77 11.58
N LYS B 41 30.17 -30.67 10.61
CA LYS B 41 31.14 -30.64 9.51
C LYS B 41 31.00 -29.32 8.77
N GLU B 42 29.76 -28.91 8.47
CA GLU B 42 29.56 -27.67 7.73
C GLU B 42 30.09 -26.48 8.51
N LEU B 43 29.82 -26.42 9.81
CA LEU B 43 30.37 -25.34 10.65
C LEU B 43 31.90 -25.34 10.60
N SER B 44 32.49 -26.52 10.65
CA SER B 44 33.97 -26.61 10.69
C SER B 44 34.64 -26.08 9.42
N ASN B 45 33.94 -26.20 8.31
CA ASN B 45 34.46 -25.68 7.05
C ASN B 45 34.16 -24.21 6.82
N ILE B 46 33.12 -23.69 7.45
CA ILE B 46 32.87 -22.24 7.37
C ILE B 46 33.79 -21.50 8.33
N LEU B 47 33.95 -22.00 9.54
CA LEU B 47 34.78 -21.31 10.54
C LEU B 47 36.24 -21.74 10.54
N GLY B 48 36.53 -22.89 9.93
CA GLY B 48 37.93 -23.37 9.84
C GLY B 48 38.48 -23.95 11.13
N PHE B 49 37.88 -25.05 11.58
CA PHE B 49 38.39 -25.70 12.77
C PHE B 49 38.41 -27.23 12.68
N LEU B 50 39.32 -27.83 13.46
CA LEU B 50 39.34 -29.26 13.63
C LEU B 50 38.53 -29.54 14.89
N TYR B 51 38.02 -30.76 14.99
CA TYR B 51 37.16 -31.10 16.12
C TYR B 51 37.23 -32.55 16.48
N ASP B 52 36.94 -32.83 17.74
CA ASP B 52 36.91 -34.18 18.31
C ASP B 52 35.59 -34.27 19.04
N VAL B 53 34.77 -35.23 18.62
CA VAL B 53 33.42 -35.41 19.23
C VAL B 53 33.56 -36.29 20.48
N LYS B 54 32.99 -35.81 21.58
N LYS B 54 32.97 -35.84 21.59
CA LYS B 54 32.99 -36.56 22.82
CA LYS B 54 33.03 -36.60 22.83
C LYS B 54 31.57 -36.66 23.31
C LYS B 54 31.64 -36.69 23.46
N LEU B 55 31.07 -37.89 23.49
CA LEU B 55 29.73 -38.06 24.09
C LEU B 55 29.79 -37.56 25.54
N VAL B 56 28.75 -36.86 25.99
CA VAL B 56 28.70 -36.38 27.38
C VAL B 56 28.73 -37.56 28.34
N PRO B 57 29.71 -37.62 29.27
CA PRO B 57 29.85 -38.85 30.08
C PRO B 57 28.58 -39.32 30.82
N ASP B 58 27.82 -38.37 31.38
CA ASP B 58 26.63 -38.77 32.17
C ASP B 58 25.38 -39.00 31.34
N GLY B 59 25.49 -38.83 30.02
CA GLY B 59 24.38 -39.03 29.12
C GLY B 59 23.20 -38.11 29.29
N LYS B 60 23.46 -36.90 29.80
CA LYS B 60 22.39 -35.91 30.09
C LYS B 60 22.53 -34.65 29.27
N TYR B 61 21.38 -34.03 28.94
CA TYR B 61 21.41 -32.72 28.26
C TYR B 61 21.91 -31.62 29.17
N GLY B 62 21.34 -31.55 30.38
CA GLY B 62 21.76 -30.51 31.36
C GLY B 62 20.55 -29.99 32.10
N ALA B 63 20.56 -30.25 33.39
CA ALA B 63 19.53 -29.75 34.29
C ALA B 63 20.18 -29.48 35.62
N GLN B 64 19.43 -28.78 36.46
CA GLN B 64 19.91 -28.31 37.75
C GLN B 64 19.32 -29.17 38.83
N ASN B 65 20.11 -29.48 39.83
CA ASN B 65 19.55 -30.15 41.00
C ASN B 65 18.97 -29.11 41.98
N ASP B 66 18.56 -29.55 43.17
CA ASP B 66 18.00 -28.63 44.16
C ASP B 66 18.97 -27.55 44.62
N LYS B 67 20.27 -27.82 44.52
CA LYS B 67 21.33 -26.92 44.94
C LYS B 67 21.75 -25.94 43.86
N GLY B 68 21.16 -26.07 42.68
CA GLY B 68 21.50 -25.20 41.56
C GLY B 68 22.69 -25.73 40.75
N GLU B 69 23.11 -26.96 41.04
CA GLU B 69 24.26 -27.58 40.38
C GLU B 69 23.84 -28.26 39.08
N TRP B 70 24.63 -28.01 38.04
CA TRP B 70 24.31 -28.48 36.71
C TRP B 70 24.99 -29.79 36.40
N ASN B 71 24.38 -30.50 35.44
CA ASN B 71 24.96 -31.71 34.92
C ASN B 71 24.98 -31.67 33.38
N GLY B 72 25.35 -32.80 32.77
CA GLY B 72 25.11 -32.95 31.31
C GLY B 72 26.03 -32.11 30.46
N MET B 73 25.60 -31.87 29.22
CA MET B 73 26.40 -31.06 28.28
C MET B 73 26.57 -29.66 28.79
N VAL B 74 25.54 -29.12 29.44
CA VAL B 74 25.62 -27.77 30.04
C VAL B 74 26.81 -27.74 31.00
N LYS B 75 26.94 -28.75 31.86
CA LYS B 75 28.02 -28.75 32.82
C LYS B 75 29.39 -28.87 32.13
N GLU B 76 29.44 -29.63 31.02
CA GLU B 76 30.73 -29.74 30.31
C GLU B 76 31.20 -28.39 29.82
N LEU B 77 30.26 -27.55 29.38
CA LEU B 77 30.60 -26.21 28.91
C LEU B 77 30.98 -25.31 30.07
N ILE B 78 30.20 -25.36 31.16
CA ILE B 78 30.51 -24.54 32.34
C ILE B 78 31.95 -24.79 32.81
N ASP B 79 32.32 -26.07 32.85
CA ASP B 79 33.61 -26.53 33.38
C ASP B 79 34.75 -26.38 32.34
N HIS B 80 34.42 -25.87 31.15
CA HIS B 80 35.39 -25.66 30.08
C HIS B 80 36.06 -26.97 29.70
N ARG B 81 35.27 -28.04 29.71
CA ARG B 81 35.68 -29.36 29.24
C ARG B 81 35.21 -29.62 27.82
N ALA B 82 34.39 -28.72 27.29
CA ALA B 82 34.04 -28.77 25.87
C ALA B 82 34.03 -27.36 25.34
N ASP B 83 34.38 -27.20 24.06
CA ASP B 83 34.30 -25.87 23.43
C ASP B 83 32.93 -25.58 22.90
N LEU B 84 32.25 -26.60 22.36
CA LEU B 84 30.94 -26.46 21.79
C LEU B 84 30.09 -27.62 22.23
N ALA B 85 28.77 -27.44 22.27
CA ALA B 85 27.81 -28.55 22.37
C ALA B 85 26.98 -28.55 21.09
N VAL B 86 27.17 -29.55 20.23
CA VAL B 86 26.43 -29.62 18.97
C VAL B 86 25.50 -30.83 19.06
N ALA B 87 24.22 -30.55 19.33
CA ALA B 87 23.26 -31.53 19.79
C ALA B 87 21.91 -30.82 19.75
N PRO B 88 20.79 -31.57 19.78
CA PRO B 88 19.48 -30.90 19.88
C PRO B 88 19.26 -30.34 21.30
N LEU B 89 19.98 -29.28 21.63
CA LEU B 89 19.95 -28.70 22.96
C LEU B 89 18.98 -27.54 22.97
N THR B 90 17.85 -27.70 23.67
CA THR B 90 16.86 -26.64 23.63
C THR B 90 17.36 -25.38 24.34
N ILE B 91 17.08 -24.25 23.72
CA ILE B 91 17.48 -22.95 24.23
C ILE B 91 16.45 -22.53 25.27
N THR B 92 16.88 -22.44 26.54
CA THR B 92 15.98 -22.08 27.65
C THR B 92 16.58 -20.99 28.55
N TYR B 93 15.72 -20.24 29.23
CA TYR B 93 16.20 -19.13 30.09
C TYR B 93 17.18 -19.63 31.13
N VAL B 94 16.84 -20.73 31.80
CA VAL B 94 17.68 -21.19 32.89
C VAL B 94 19.07 -21.58 32.37
N ARG B 95 19.15 -22.23 31.22
CA ARG B 95 20.45 -22.55 30.62
C ARG B 95 21.20 -21.33 30.16
N GLU B 96 20.49 -20.36 29.61
CA GLU B 96 21.10 -19.12 29.15
C GLU B 96 21.75 -18.32 30.29
N LYS B 97 21.42 -18.64 31.55
CA LYS B 97 22.13 -18.00 32.70
C LYS B 97 23.56 -18.51 32.83
N VAL B 98 23.83 -19.72 32.36
CA VAL B 98 25.14 -20.34 32.63
C VAL B 98 25.96 -20.70 31.40
N ILE B 99 25.33 -20.70 30.23
CA ILE B 99 26.05 -20.95 28.96
C ILE B 99 25.46 -20.03 27.90
N ASP B 100 26.16 -19.89 26.79
CA ASP B 100 25.68 -19.11 25.65
C ASP B 100 25.17 -20.06 24.59
N PHE B 101 24.18 -19.60 23.85
CA PHE B 101 23.67 -20.34 22.70
C PHE B 101 23.82 -19.54 21.43
N SER B 102 24.08 -20.26 20.33
CA SER B 102 23.90 -19.67 19.00
C SER B 102 22.43 -19.49 18.74
N LYS B 103 22.08 -18.84 17.63
N LYS B 103 22.08 -18.84 17.62
CA LYS B 103 20.68 -18.87 17.19
CA LYS B 103 20.69 -18.89 17.17
C LYS B 103 20.25 -20.32 16.94
C LYS B 103 20.25 -20.33 16.93
N PRO B 104 18.94 -20.59 16.99
CA PRO B 104 18.54 -22.00 16.76
C PRO B 104 18.87 -22.47 15.35
N PHE B 105 19.33 -23.71 15.20
CA PHE B 105 19.46 -24.28 13.87
C PHE B 105 18.22 -25.06 13.48
N MET B 106 17.36 -25.32 14.45
CA MET B 106 16.08 -25.94 14.17
C MET B 106 15.04 -25.33 15.12
N THR B 107 13.86 -25.00 14.60
CA THR B 107 12.74 -24.51 15.41
C THR B 107 11.56 -25.41 15.25
N LEU B 108 10.75 -25.48 16.32
CA LEU B 108 9.78 -26.55 16.47
C LEU B 108 8.81 -26.18 17.59
N GLY B 109 8.08 -27.17 18.08
CA GLY B 109 7.12 -26.91 19.16
C GLY B 109 6.45 -28.22 19.52
N ILE B 110 5.72 -28.23 20.62
CA ILE B 110 4.95 -29.41 21.04
C ILE B 110 3.77 -29.63 20.10
N SER B 111 3.47 -30.88 19.74
CA SER B 111 2.21 -31.14 19.01
C SER B 111 1.72 -32.53 19.39
N ILE B 112 0.82 -33.07 18.59
CA ILE B 112 0.11 -34.32 18.97
C ILE B 112 0.36 -35.35 17.89
N LEU B 113 0.72 -36.57 18.31
CA LEU B 113 0.87 -37.72 17.41
C LEU B 113 -0.33 -38.59 17.58
N TYR B 114 -0.98 -38.92 16.47
CA TYR B 114 -2.19 -39.76 16.54
C TYR B 114 -2.43 -40.47 15.21
N ARG B 115 -3.43 -41.36 15.17
N ARG B 115 -3.43 -41.35 15.16
CA ARG B 115 -3.79 -42.07 13.93
CA ARG B 115 -3.76 -42.00 13.90
C ARG B 115 -4.53 -41.15 12.94
C ARG B 115 -4.38 -41.01 12.92
N LYS B 116 -4.29 -41.34 11.65
CA LYS B 116 -4.97 -40.56 10.59
C LYS B 116 -6.42 -41.01 10.48
N GLY B 117 -7.25 -40.19 9.86
CA GLY B 117 -8.62 -40.61 9.52
C GLY B 117 -9.68 -40.37 10.58
N THR B 118 -9.34 -39.59 11.60
CA THR B 118 -10.26 -39.37 12.70
C THR B 118 -10.80 -37.95 12.67
N PRO B 119 -11.85 -37.66 13.45
CA PRO B 119 -12.31 -36.29 13.51
C PRO B 119 -11.63 -35.42 14.59
N ILE B 120 -10.55 -35.92 15.19
CA ILE B 120 -9.76 -35.15 16.14
C ILE B 120 -8.83 -34.23 15.35
N ASP B 121 -8.91 -32.92 15.62
N ASP B 121 -8.92 -32.92 15.60
CA ASP B 121 -8.20 -31.91 14.84
CA ASP B 121 -8.12 -31.96 14.83
C ASP B 121 -7.40 -30.90 15.68
C ASP B 121 -7.27 -31.00 15.68
N SER B 122 -7.42 -31.06 17.01
CA SER B 122 -6.76 -30.10 17.91
C SER B 122 -6.64 -30.62 19.33
N ALA B 123 -5.78 -29.97 20.12
CA ALA B 123 -5.67 -30.26 21.55
C ALA B 123 -7.03 -30.09 22.26
N ASP B 124 -7.76 -29.06 21.86
CA ASP B 124 -9.11 -28.83 22.38
C ASP B 124 -10.05 -30.01 22.17
N ASP B 125 -9.96 -30.63 21.00
CA ASP B 125 -10.78 -31.79 20.70
C ASP B 125 -10.43 -32.95 21.65
N LEU B 126 -9.14 -33.16 21.94
CA LEU B 126 -8.75 -34.15 22.95
C LEU B 126 -9.20 -33.76 24.35
N ALA B 127 -9.06 -32.49 24.73
CA ALA B 127 -9.28 -32.10 26.12
C ALA B 127 -10.72 -32.25 26.53
N LYS B 128 -11.63 -32.08 25.57
CA LYS B 128 -13.08 -32.10 25.90
C LYS B 128 -13.69 -33.50 25.98
N GLN B 129 -12.85 -34.53 25.94
CA GLN B 129 -13.34 -35.90 25.96
C GLN B 129 -12.40 -36.82 26.78
N THR B 130 -12.83 -38.05 27.02
CA THR B 130 -12.07 -38.97 27.89
C THR B 130 -11.89 -40.34 27.26
N LYS B 131 -12.64 -40.61 26.19
CA LYS B 131 -12.59 -41.88 25.46
C LYS B 131 -11.20 -42.20 24.91
N ILE B 132 -10.67 -41.27 24.11
CA ILE B 132 -9.31 -41.37 23.56
C ILE B 132 -8.37 -40.93 24.66
N GLU B 133 -7.47 -41.81 25.08
CA GLU B 133 -6.52 -41.46 26.13
C GLU B 133 -5.43 -40.62 25.51
N TYR B 134 -4.81 -39.74 26.29
CA TYR B 134 -3.67 -38.98 25.76
C TYR B 134 -2.68 -38.69 26.87
N GLY B 135 -1.42 -38.52 26.52
CA GLY B 135 -0.41 -38.31 27.55
C GLY B 135 0.92 -37.92 26.92
N ALA B 136 1.97 -38.03 27.73
CA ALA B 136 3.32 -37.65 27.30
C ALA B 136 4.32 -38.57 27.98
N VAL B 137 5.59 -38.50 27.57
CA VAL B 137 6.62 -39.28 28.24
C VAL B 137 6.84 -38.65 29.62
N ARG B 138 6.71 -39.48 30.64
N ARG B 138 6.69 -39.46 30.66
CA ARG B 138 6.92 -39.07 32.04
CA ARG B 138 6.83 -38.94 32.03
C ARG B 138 8.25 -38.30 32.23
C ARG B 138 8.21 -38.32 32.25
N ASP B 139 8.18 -37.13 32.84
CA ASP B 139 9.37 -36.34 33.23
C ASP B 139 10.09 -35.69 32.05
N GLY B 140 9.52 -35.83 30.86
CA GLY B 140 10.13 -35.28 29.64
C GLY B 140 9.81 -33.79 29.51
N SER B 141 10.40 -33.15 28.50
N SER B 141 10.40 -33.16 28.49
CA SER B 141 10.16 -31.72 28.31
CA SER B 141 10.21 -31.75 28.21
C SER B 141 8.69 -31.39 28.10
C SER B 141 8.73 -31.38 28.04
N THR B 142 8.02 -32.21 27.28
CA THR B 142 6.63 -31.96 26.96
C THR B 142 5.70 -32.17 28.15
N MET B 143 5.94 -33.20 28.93
CA MET B 143 5.12 -33.38 30.15
C MET B 143 5.27 -32.17 31.06
N THR B 144 6.50 -31.70 31.21
CA THR B 144 6.75 -30.55 32.08
C THR B 144 6.04 -29.27 31.64
N PHE B 145 6.00 -29.06 30.33
CA PHE B 145 5.22 -27.96 29.78
C PHE B 145 3.77 -28.04 30.24
N PHE B 146 3.15 -29.23 30.18
CA PHE B 146 1.75 -29.31 30.62
C PHE B 146 1.59 -29.10 32.11
N LYS B 147 2.51 -29.68 32.88
CA LYS B 147 2.49 -29.54 34.34
C LYS B 147 2.63 -28.07 34.76
N LYS B 148 3.35 -27.29 33.98
CA LYS B 148 3.62 -25.88 34.33
C LYS B 148 2.68 -24.86 33.69
N SER B 149 1.88 -25.31 32.74
CA SER B 149 1.04 -24.38 31.97
C SER B 149 -0.04 -23.67 32.77
N LYS B 150 -0.25 -22.41 32.44
CA LYS B 150 -1.33 -21.64 33.05
C LYS B 150 -2.47 -21.43 32.02
N ILE B 151 -2.31 -22.03 30.85
CA ILE B 151 -3.30 -21.96 29.79
C ILE B 151 -4.43 -22.96 30.07
N SER B 152 -5.67 -22.48 30.06
N SER B 152 -5.68 -22.48 30.05
CA SER B 152 -6.81 -23.29 30.54
CA SER B 152 -6.84 -23.26 30.52
C SER B 152 -6.88 -24.68 29.91
C SER B 152 -6.89 -24.67 29.92
N THR B 153 -6.80 -24.77 28.58
CA THR B 153 -6.92 -26.07 27.90
C THR B 153 -5.82 -27.01 28.37
N TYR B 154 -4.60 -26.47 28.56
CA TYR B 154 -3.45 -27.30 28.92
C TYR B 154 -3.45 -27.68 30.39
N GLU B 155 -3.99 -26.80 31.26
CA GLU B 155 -4.26 -27.17 32.65
C GLU B 155 -5.22 -28.34 32.71
N LYS B 156 -6.25 -28.30 31.87
CA LYS B 156 -7.27 -29.33 31.88
C LYS B 156 -6.63 -30.64 31.40
N MET B 157 -5.81 -30.56 30.35
CA MET B 157 -5.08 -31.72 29.86
C MET B 157 -4.12 -32.31 30.88
N TRP B 158 -3.47 -31.43 31.64
CA TRP B 158 -2.58 -31.89 32.69
C TRP B 158 -3.37 -32.62 33.79
N ALA B 159 -4.53 -32.07 34.17
CA ALA B 159 -5.36 -32.72 35.19
C ALA B 159 -5.63 -34.15 34.73
N PHE B 160 -6.01 -34.30 33.47
CA PHE B 160 -6.33 -35.62 32.94
C PHE B 160 -5.12 -36.53 32.88
N MET B 161 -4.05 -36.04 32.26
N MET B 161 -4.03 -36.08 32.25
CA MET B 161 -2.79 -36.79 32.11
CA MET B 161 -2.89 -36.99 32.07
C MET B 161 -2.31 -37.36 33.42
C MET B 161 -2.20 -37.36 33.40
N SER B 162 -2.33 -36.50 34.43
CA SER B 162 -1.70 -36.78 35.72
C SER B 162 -2.60 -37.58 36.63
N SER B 163 -3.89 -37.72 36.25
CA SER B 163 -4.84 -38.41 37.11
C SER B 163 -4.60 -39.91 37.15
N ARG B 164 -5.22 -40.60 38.10
CA ARG B 164 -5.24 -42.07 38.05
C ARG B 164 -3.82 -42.69 37.95
N GLN B 165 -2.95 -42.22 38.84
CA GLN B 165 -1.59 -42.73 38.99
C GLN B 165 -0.76 -42.46 37.75
N GLN B 166 -1.21 -41.48 36.96
CA GLN B 166 -0.49 -41.06 35.74
C GLN B 166 -0.44 -42.18 34.73
N SER B 167 -1.47 -43.00 34.68
CA SER B 167 -1.47 -44.18 33.78
C SER B 167 -1.48 -43.76 32.30
N ALA B 168 -1.85 -42.50 32.04
CA ALA B 168 -1.84 -41.95 30.67
C ALA B 168 -0.47 -41.55 30.22
N LEU B 169 0.47 -41.45 31.14
CA LEU B 169 1.83 -41.15 30.72
C LEU B 169 2.54 -42.42 30.26
N VAL B 170 3.70 -42.25 29.62
CA VAL B 170 4.46 -43.40 29.14
C VAL B 170 5.93 -43.23 29.57
N LYS B 171 6.68 -44.33 29.50
CA LYS B 171 8.03 -44.39 30.04
C LYS B 171 9.05 -43.69 29.15
N ASN B 172 8.88 -43.87 27.85
CA ASN B 172 9.79 -43.34 26.83
C ASN B 172 9.07 -43.19 25.51
N SER B 173 9.76 -42.61 24.53
N SER B 173 9.73 -42.59 24.52
CA SER B 173 9.11 -42.34 23.27
CA SER B 173 9.07 -42.35 23.25
C SER B 173 8.80 -43.60 22.46
C SER B 173 8.76 -43.63 22.50
N ASP B 174 9.66 -44.60 22.54
CA ASP B 174 9.41 -45.89 21.90
C ASP B 174 8.09 -46.51 22.39
N GLU B 175 7.89 -46.53 23.73
CA GLU B 175 6.65 -47.11 24.28
C GLU B 175 5.45 -46.22 23.94
N GLY B 176 5.66 -44.91 23.90
CA GLY B 176 4.57 -44.01 23.48
C GLY B 176 4.07 -44.24 22.06
N ILE B 177 5.03 -44.41 21.13
CA ILE B 177 4.69 -44.59 19.74
C ILE B 177 3.93 -45.89 19.58
N GLN B 178 4.41 -46.95 20.23
N GLN B 178 4.39 -46.97 20.21
CA GLN B 178 3.74 -48.24 20.19
CA GLN B 178 3.65 -48.25 20.11
C GLN B 178 2.35 -48.20 20.82
C GLN B 178 2.27 -48.12 20.76
N ARG B 179 2.17 -47.34 21.84
CA ARG B 179 0.86 -47.15 22.47
C ARG B 179 -0.11 -46.45 21.50
N VAL B 180 0.38 -45.49 20.73
CA VAL B 180 -0.44 -44.86 19.69
C VAL B 180 -0.84 -45.88 18.63
N LEU B 181 0.11 -46.75 18.25
CA LEU B 181 -0.22 -47.71 17.19
C LEU B 181 -1.11 -48.86 17.65
N THR B 182 -1.01 -49.26 18.91
CA THR B 182 -1.75 -50.44 19.38
C THR B 182 -3.11 -50.14 20.03
N THR B 183 -3.25 -48.93 20.58
CA THR B 183 -4.41 -48.58 21.37
C THR B 183 -4.98 -47.26 20.88
N ASP B 184 -6.11 -46.84 21.46
CA ASP B 184 -6.68 -45.52 21.11
C ASP B 184 -6.09 -44.44 21.99
N TYR B 185 -4.92 -43.97 21.58
CA TYR B 185 -4.07 -43.11 22.42
C TYR B 185 -3.38 -42.07 21.54
N ALA B 186 -3.35 -40.83 22.03
CA ALA B 186 -2.56 -39.76 21.36
C ALA B 186 -1.42 -39.32 22.22
N LEU B 187 -0.28 -39.05 21.61
CA LEU B 187 0.94 -38.76 22.38
C LEU B 187 1.34 -37.33 22.10
N LEU B 188 1.52 -36.57 23.18
CA LEU B 188 2.00 -35.19 23.09
C LEU B 188 3.53 -35.24 23.11
N MET B 189 4.15 -34.63 22.09
CA MET B 189 5.62 -34.65 22.00
C MET B 189 6.15 -33.56 21.07
N GLU B 190 7.46 -33.35 21.09
CA GLU B 190 8.03 -32.31 20.25
C GLU B 190 7.83 -32.65 18.80
N SER B 191 7.61 -31.61 17.96
CA SER B 191 7.21 -31.83 16.56
C SER B 191 8.30 -32.47 15.70
N THR B 192 9.57 -32.29 16.08
CA THR B 192 10.70 -32.92 15.39
C THR B 192 10.61 -34.42 15.54
N SER B 193 10.29 -34.87 16.75
CA SER B 193 10.11 -36.30 17.03
C SER B 193 8.88 -36.83 16.31
N ILE B 194 7.80 -36.06 16.33
CA ILE B 194 6.59 -36.47 15.61
C ILE B 194 6.87 -36.67 14.10
N GLU B 195 7.51 -35.72 13.46
N GLU B 195 7.51 -35.68 13.49
CA GLU B 195 7.78 -35.88 12.03
CA GLU B 195 7.92 -35.75 12.09
C GLU B 195 8.71 -37.05 11.71
C GLU B 195 8.68 -37.02 11.75
N TYR B 196 9.62 -37.38 12.62
CA TYR B 196 10.49 -38.53 12.38
C TYR B 196 9.62 -39.80 12.32
N VAL B 197 8.63 -39.84 13.19
CA VAL B 197 7.71 -40.98 13.30
C VAL B 197 6.75 -41.02 12.12
N THR B 198 6.13 -39.88 11.78
CA THR B 198 5.11 -39.89 10.72
C THR B 198 5.71 -40.19 9.36
N GLN B 199 6.98 -39.82 9.15
CA GLN B 199 7.68 -40.23 7.95
C GLN B 199 7.86 -41.74 7.82
N ARG B 200 7.80 -42.47 8.95
CA ARG B 200 8.05 -43.91 8.98
C ARG B 200 6.82 -44.75 9.31
N ASN B 201 5.70 -44.09 9.55
N ASN B 201 5.69 -44.07 9.51
CA ASN B 201 4.45 -44.80 9.71
CA ASN B 201 4.41 -44.69 9.85
C ASN B 201 3.31 -43.99 9.14
C ASN B 201 3.31 -43.92 9.12
N CYS B 202 2.92 -44.42 7.94
CA CYS B 202 1.99 -43.70 7.09
C CYS B 202 0.56 -43.70 7.64
N ASN B 203 0.33 -44.50 8.67
N ASN B 203 0.30 -44.49 8.67
CA ASN B 203 -0.97 -44.52 9.36
CA ASN B 203 -1.02 -44.44 9.31
C ASN B 203 -1.04 -43.53 10.54
C ASN B 203 -1.11 -43.38 10.42
N LEU B 204 0.04 -42.79 10.76
CA LEU B 204 0.10 -41.76 11.82
C LEU B 204 0.23 -40.37 11.27
N THR B 205 -0.20 -39.40 12.06
CA THR B 205 -0.08 -38.01 11.66
C THR B 205 0.06 -37.08 12.83
N GLN B 206 0.51 -35.87 12.55
CA GLN B 206 0.49 -34.78 13.49
C GLN B 206 -0.95 -34.24 13.49
N ILE B 207 -1.49 -34.03 14.69
CA ILE B 207 -2.84 -33.46 14.86
C ILE B 207 -2.71 -32.01 15.30
N GLY B 208 -3.38 -31.14 14.56
CA GLY B 208 -3.34 -29.71 14.84
C GLY B 208 -1.96 -29.11 14.56
N GLY B 209 -1.76 -27.91 15.06
CA GLY B 209 -0.47 -27.23 14.86
C GLY B 209 0.42 -27.34 16.07
N LEU B 210 1.36 -26.42 16.17
CA LEU B 210 2.27 -26.39 17.32
C LEU B 210 1.63 -25.67 18.47
N ILE B 211 1.87 -26.22 19.65
CA ILE B 211 1.24 -25.76 20.89
C ILE B 211 2.09 -24.71 21.58
N ASP B 212 3.39 -24.76 21.33
CA ASP B 212 4.33 -23.76 21.83
C ASP B 212 5.42 -23.60 20.76
N SER B 213 6.46 -22.85 21.09
N SER B 213 6.48 -22.86 21.08
CA SER B 213 7.56 -22.65 20.16
CA SER B 213 7.56 -22.65 20.12
C SER B 213 8.83 -22.88 20.96
C SER B 213 8.91 -22.67 20.83
N LYS B 214 9.80 -23.55 20.35
CA LYS B 214 11.13 -23.65 20.93
C LYS B 214 12.16 -23.90 19.85
N GLY B 215 13.42 -23.83 20.24
CA GLY B 215 14.50 -23.99 19.30
C GLY B 215 15.67 -24.75 19.88
N TYR B 216 16.40 -25.45 19.00
CA TYR B 216 17.64 -26.12 19.38
C TYR B 216 18.81 -25.26 18.89
N GLY B 217 19.80 -25.05 19.77
CA GLY B 217 20.93 -24.20 19.40
C GLY B 217 22.24 -24.88 19.75
N VAL B 218 23.36 -24.33 19.22
CA VAL B 218 24.69 -24.81 19.60
C VAL B 218 25.06 -24.11 20.91
N GLY B 219 25.55 -24.88 21.88
CA GLY B 219 25.96 -24.26 23.15
C GLY B 219 27.44 -24.00 23.21
N THR B 220 27.81 -22.95 23.94
CA THR B 220 29.20 -22.61 24.17
C THR B 220 29.34 -22.11 25.62
N PRO B 221 30.56 -22.14 26.18
CA PRO B 221 30.73 -21.45 27.47
C PRO B 221 30.42 -19.95 27.34
N ILE B 222 30.02 -19.34 28.44
CA ILE B 222 29.72 -17.90 28.41
C ILE B 222 30.99 -17.22 27.98
N GLY B 223 30.88 -16.36 26.97
CA GLY B 223 32.01 -15.53 26.57
C GLY B 223 32.80 -16.11 25.42
N SER B 224 32.38 -17.26 24.92
CA SER B 224 33.06 -17.87 23.81
C SER B 224 32.97 -17.00 22.58
N PRO B 225 34.09 -16.84 21.90
CA PRO B 225 34.07 -16.11 20.64
C PRO B 225 33.42 -16.91 19.51
N TYR B 226 33.28 -18.23 19.66
CA TYR B 226 32.66 -19.00 18.59
C TYR B 226 31.17 -18.76 18.50
N ARG B 227 30.54 -18.33 19.59
CA ARG B 227 29.07 -18.25 19.57
C ARG B 227 28.54 -17.38 18.42
N ASP B 228 29.03 -16.15 18.30
CA ASP B 228 28.54 -15.25 17.27
C ASP B 228 28.91 -15.72 15.87
N LYS B 229 30.08 -16.30 15.72
CA LYS B 229 30.49 -16.85 14.44
C LYS B 229 29.57 -18.02 13.99
N ILE B 230 29.13 -18.83 14.94
CA ILE B 230 28.26 -19.95 14.65
C ILE B 230 26.86 -19.46 14.27
N THR B 231 26.36 -18.43 14.95
CA THR B 231 25.09 -17.82 14.52
C THR B 231 25.12 -17.43 13.07
N ILE B 232 26.17 -16.72 12.69
N ILE B 232 26.18 -16.74 12.65
CA ILE B 232 26.35 -16.31 11.31
CA ILE B 232 26.26 -16.32 11.27
C ILE B 232 26.39 -17.50 10.35
C ILE B 232 26.44 -17.48 10.31
N ALA B 233 27.14 -18.52 10.73
CA ALA B 233 27.24 -19.71 9.90
C ALA B 233 25.87 -20.36 9.72
N ILE B 234 25.08 -20.38 10.79
CA ILE B 234 23.75 -21.00 10.69
C ILE B 234 22.86 -20.18 9.72
N LEU B 235 22.95 -18.83 9.80
CA LEU B 235 22.23 -17.98 8.85
C LEU B 235 22.71 -18.28 7.40
N GLN B 236 24.02 -18.46 7.24
CA GLN B 236 24.57 -18.81 5.92
C GLN B 236 23.98 -20.14 5.40
N LEU B 237 23.98 -21.18 6.24
CA LEU B 237 23.55 -22.49 5.80
C LEU B 237 22.09 -22.47 5.48
N GLN B 238 21.34 -21.65 6.23
CA GLN B 238 19.93 -21.51 5.92
C GLN B 238 19.67 -20.94 4.52
N GLU B 239 20.30 -19.80 4.23
N GLU B 239 20.31 -19.81 4.23
CA GLU B 239 20.08 -19.14 2.94
CA GLU B 239 20.11 -19.15 2.95
C GLU B 239 20.60 -19.94 1.74
C GLU B 239 20.52 -20.04 1.78
N GLU B 240 21.61 -20.78 1.95
CA GLU B 240 22.14 -21.69 0.93
C GLU B 240 21.18 -22.87 0.69
N GLY B 241 20.22 -23.03 1.60
CA GLY B 241 19.28 -24.16 1.55
C GLY B 241 19.80 -25.46 2.15
N LYS B 242 20.98 -25.40 2.76
CA LYS B 242 21.64 -26.60 3.26
C LYS B 242 20.97 -27.18 4.51
N LEU B 243 20.43 -26.32 5.36
CA LEU B 243 19.73 -26.81 6.57
C LEU B 243 18.52 -27.58 6.15
N HIS B 244 17.84 -27.10 5.10
CA HIS B 244 16.69 -27.79 4.55
C HIS B 244 17.09 -29.18 4.02
N MET B 245 18.18 -29.25 3.29
N MET B 245 18.16 -29.24 3.23
CA MET B 245 18.64 -30.50 2.71
CA MET B 245 18.66 -30.49 2.64
C MET B 245 19.09 -31.49 3.79
C MET B 245 18.95 -31.50 3.75
N MET B 246 19.73 -30.97 4.84
N MET B 246 19.69 -31.03 4.76
CA MET B 246 20.20 -31.85 5.94
CA MET B 246 20.15 -31.90 5.85
C MET B 246 19.01 -32.42 6.71
C MET B 246 18.98 -32.45 6.67
N LYS B 247 17.99 -31.59 6.92
CA LYS B 247 16.73 -32.06 7.60
C LYS B 247 16.05 -33.15 6.76
N GLU B 248 15.90 -32.89 5.47
CA GLU B 248 15.31 -33.86 4.54
C GLU B 248 16.05 -35.18 4.53
N LYS B 249 17.38 -35.09 4.47
CA LYS B 249 18.22 -36.26 4.41
C LYS B 249 17.97 -37.21 5.58
N TRP B 250 17.90 -36.63 6.79
CA TRP B 250 17.88 -37.47 7.99
C TRP B 250 16.47 -37.83 8.44
N TRP B 251 15.49 -37.04 8.02
CA TRP B 251 14.10 -37.29 8.41
C TRP B 251 13.30 -38.07 7.41
N ARG B 252 13.69 -38.04 6.14
CA ARG B 252 12.79 -38.64 5.15
C ARG B 252 12.57 -40.15 5.40
N GLY B 253 11.40 -40.64 5.01
CA GLY B 253 11.07 -42.07 5.17
C GLY B 253 10.44 -42.60 3.89
N ASN B 254 9.46 -43.50 4.04
CA ASN B 254 8.72 -44.07 2.90
C ASN B 254 7.26 -44.45 3.23
N ARG C 4 -3.53 23.67 -46.60
CA ARG C 4 -4.79 24.45 -46.62
C ARG C 4 -4.67 25.80 -45.89
N THR C 5 -5.76 26.56 -45.87
CA THR C 5 -5.91 27.54 -44.82
C THR C 5 -7.15 27.16 -44.03
N LEU C 6 -6.95 26.86 -42.75
CA LEU C 6 -8.07 26.58 -41.87
C LEU C 6 -8.78 27.88 -41.53
N ILE C 7 -10.11 27.84 -41.48
CA ILE C 7 -10.85 29.00 -41.00
C ILE C 7 -11.09 28.79 -39.53
N VAL C 8 -10.68 29.77 -38.73
CA VAL C 8 -10.86 29.70 -37.28
C VAL C 8 -11.92 30.72 -36.90
N THR C 9 -13.04 30.23 -36.36
CA THR C 9 -14.05 31.12 -35.78
C THR C 9 -13.64 31.49 -34.37
N THR C 10 -13.88 32.74 -34.03
CA THR C 10 -13.59 33.20 -32.69
C THR C 10 -14.51 34.39 -32.35
N ILE C 11 -14.27 34.97 -31.17
CA ILE C 11 -15.18 36.03 -30.69
C ILE C 11 -14.35 36.97 -29.84
N LEU C 12 -14.63 38.27 -29.96
CA LEU C 12 -13.94 39.24 -29.08
C LEU C 12 -14.32 39.03 -27.61
N GLU C 13 -13.30 38.88 -26.74
CA GLU C 13 -13.54 38.61 -25.31
C GLU C 13 -12.20 38.86 -24.62
N GLU C 14 -12.15 39.85 -23.74
CA GLU C 14 -10.85 40.21 -23.15
C GLU C 14 -10.49 39.20 -22.04
N PRO C 15 -9.22 38.74 -21.98
CA PRO C 15 -8.10 38.97 -22.89
C PRO C 15 -7.82 37.84 -23.87
N TYR C 16 -8.84 37.02 -24.15
CA TYR C 16 -8.66 35.88 -25.09
C TYR C 16 -8.42 36.40 -26.52
N VAL C 17 -9.27 37.32 -26.95
CA VAL C 17 -9.27 37.80 -28.33
C VAL C 17 -9.62 39.30 -28.25
N MET C 18 -8.70 40.15 -28.75
CA MET C 18 -8.90 41.60 -28.69
C MET C 18 -8.42 42.20 -29.99
N TYR C 19 -8.99 43.35 -30.35
CA TYR C 19 -8.42 44.12 -31.45
C TYR C 19 -7.08 44.66 -30.99
N ARG C 20 -6.08 44.53 -31.85
CA ARG C 20 -4.75 45.03 -31.56
C ARG C 20 -4.71 46.57 -31.66
N LYS C 21 -4.09 47.26 -30.70
CA LYS C 21 -4.00 48.73 -30.80
C LYS C 21 -3.14 49.14 -31.99
N SER C 22 -3.57 50.19 -32.68
CA SER C 22 -2.91 50.59 -33.91
C SER C 22 -3.24 52.05 -34.20
N ASP C 23 -2.31 52.71 -34.88
CA ASP C 23 -2.54 54.08 -35.36
C ASP C 23 -3.00 54.11 -36.83
N LYS C 24 -3.01 52.94 -37.47
CA LYS C 24 -3.43 52.79 -38.86
C LYS C 24 -4.26 51.50 -38.99
N PRO C 25 -5.10 51.39 -40.03
CA PRO C 25 -5.84 50.15 -40.26
C PRO C 25 -4.97 48.91 -40.39
N LEU C 26 -5.41 47.87 -39.69
CA LEU C 26 -4.81 46.54 -39.79
C LEU C 26 -5.73 45.60 -40.55
N TYR C 27 -5.14 44.55 -41.12
CA TYR C 27 -5.87 43.62 -41.99
C TYR C 27 -5.50 42.18 -41.58
N GLY C 28 -6.40 41.26 -41.86
CA GLY C 28 -6.17 39.84 -41.62
C GLY C 28 -5.90 39.50 -40.17
N ASN C 29 -5.05 38.51 -39.93
CA ASN C 29 -4.88 38.03 -38.56
C ASN C 29 -4.19 39.06 -37.65
N ASP C 30 -3.49 39.99 -38.28
N ASP C 30 -3.48 40.00 -38.27
CA ASP C 30 -2.80 41.08 -37.59
CA ASP C 30 -2.80 41.08 -37.54
C ASP C 30 -3.75 42.04 -36.85
C ASP C 30 -3.79 41.91 -36.71
N ARG C 31 -5.06 41.92 -37.11
CA ARG C 31 -6.05 42.75 -36.39
C ARG C 31 -6.22 42.32 -34.91
N PHE C 32 -5.82 41.09 -34.58
CA PHE C 32 -6.17 40.46 -33.29
C PHE C 32 -4.98 40.04 -32.48
N GLU C 33 -5.17 40.04 -31.17
CA GLU C 33 -4.14 39.53 -30.25
C GLU C 33 -4.84 38.97 -29.04
N GLY C 34 -4.11 38.21 -28.25
CA GLY C 34 -4.69 37.68 -27.02
C GLY C 34 -4.31 36.26 -26.76
N TYR C 35 -4.75 35.76 -25.61
CA TYR C 35 -4.44 34.38 -25.22
C TYR C 35 -4.83 33.40 -26.31
N CYS C 36 -6.04 33.55 -26.86
CA CYS C 36 -6.45 32.56 -27.88
C CYS C 36 -5.64 32.68 -29.16
N LEU C 37 -5.15 33.88 -29.48
CA LEU C 37 -4.30 34.02 -30.66
C LEU C 37 -2.97 33.36 -30.45
N ASP C 38 -2.44 33.49 -29.23
CA ASP C 38 -1.20 32.79 -28.90
C ASP C 38 -1.39 31.26 -28.90
N LEU C 39 -2.54 30.78 -28.41
CA LEU C 39 -2.81 29.34 -28.39
C LEU C 39 -2.90 28.81 -29.80
N LEU C 40 -3.57 29.57 -30.65
CA LEU C 40 -3.75 29.23 -32.04
C LEU C 40 -2.41 29.15 -32.70
N LYS C 41 -1.50 30.09 -32.39
CA LYS C 41 -0.16 30.05 -32.97
C LYS C 41 0.58 28.78 -32.56
N GLU C 42 0.58 28.45 -31.27
CA GLU C 42 1.22 27.20 -30.77
C GLU C 42 0.63 25.95 -31.42
N LEU C 43 -0.71 25.87 -31.49
CA LEU C 43 -1.36 24.74 -32.17
C LEU C 43 -0.90 24.65 -33.63
N SER C 44 -0.82 25.80 -34.29
N SER C 44 -0.78 25.80 -34.29
CA SER C 44 -0.41 25.90 -35.69
CA SER C 44 -0.40 25.86 -35.71
C SER C 44 1.00 25.35 -35.84
C SER C 44 1.03 25.43 -35.91
N ASN C 45 1.87 25.68 -34.89
CA ASN C 45 3.28 25.25 -34.97
C ASN C 45 3.44 23.76 -34.73
N ILE C 46 2.64 23.22 -33.80
CA ILE C 46 2.71 21.80 -33.50
C ILE C 46 2.12 20.95 -34.62
N LEU C 47 0.94 21.31 -35.10
CA LEU C 47 0.22 20.50 -36.06
C LEU C 47 0.64 20.87 -37.47
N GLY C 48 1.11 22.09 -37.64
CA GLY C 48 1.50 22.56 -38.96
C GLY C 48 0.28 22.83 -39.81
N PHE C 49 -0.40 23.94 -39.53
CA PHE C 49 -1.44 24.41 -40.45
C PHE C 49 -1.38 25.91 -40.54
N LEU C 50 -1.95 26.43 -41.61
CA LEU C 50 -2.13 27.86 -41.75
C LEU C 50 -3.57 28.18 -41.40
N TYR C 51 -3.79 29.42 -41.00
CA TYR C 51 -5.13 29.79 -40.58
C TYR C 51 -5.52 31.22 -40.88
N ASP C 52 -6.83 31.42 -40.89
N ASP C 52 -6.82 31.42 -41.07
CA ASP C 52 -7.50 32.67 -41.22
CA ASP C 52 -7.42 32.75 -41.18
C ASP C 52 -8.55 32.89 -40.14
C ASP C 52 -8.44 32.83 -40.07
N VAL C 53 -8.34 33.89 -39.28
CA VAL C 53 -9.25 34.11 -38.13
C VAL C 53 -10.43 34.93 -38.62
N LYS C 54 -11.64 34.46 -38.31
CA LYS C 54 -12.87 35.17 -38.67
C LYS C 54 -13.73 35.31 -37.44
N LEU C 55 -14.00 36.56 -37.05
CA LEU C 55 -14.90 36.77 -35.90
C LEU C 55 -16.27 36.21 -36.28
N VAL C 56 -16.93 35.57 -35.33
CA VAL C 56 -18.25 35.01 -35.57
C VAL C 56 -19.22 36.17 -35.89
N PRO C 57 -19.90 36.13 -37.06
CA PRO C 57 -20.68 37.30 -37.47
C PRO C 57 -21.75 37.75 -36.47
N ASP C 58 -22.46 36.83 -35.84
CA ASP C 58 -23.52 37.23 -34.87
C ASP C 58 -23.01 37.56 -33.47
N GLY C 59 -21.70 37.44 -33.25
CA GLY C 59 -21.09 37.77 -31.96
C GLY C 59 -21.55 36.89 -30.80
N LYS C 60 -21.97 35.66 -31.10
CA LYS C 60 -22.46 34.73 -30.05
C LYS C 60 -21.58 33.47 -29.93
N TYR C 61 -21.54 32.92 -28.73
CA TYR C 61 -20.80 31.67 -28.47
C TYR C 61 -21.51 30.47 -29.08
N GLY C 62 -22.81 30.38 -28.83
CA GLY C 62 -23.61 29.29 -29.42
C GLY C 62 -24.61 28.75 -28.44
N ALA C 63 -25.89 28.87 -28.81
CA ALA C 63 -26.99 28.31 -28.03
C ALA C 63 -28.11 28.00 -29.01
N GLN C 64 -29.12 27.31 -28.50
CA GLN C 64 -30.30 26.93 -29.29
C GLN C 64 -31.43 27.90 -28.99
N ASN C 65 -32.18 28.25 -30.03
CA ASN C 65 -33.40 29.03 -29.84
C ASN C 65 -34.58 28.10 -29.58
N ASP C 66 -35.78 28.68 -29.53
CA ASP C 66 -37.01 27.93 -29.26
C ASP C 66 -37.26 26.82 -30.29
N LYS C 67 -36.83 27.06 -31.53
CA LYS C 67 -36.94 26.07 -32.61
C LYS C 67 -35.91 24.95 -32.47
N GLY C 68 -34.86 25.21 -31.69
CA GLY C 68 -33.76 24.25 -31.52
C GLY C 68 -32.64 24.43 -32.54
N GLU C 69 -32.63 25.58 -33.20
CA GLU C 69 -31.59 25.89 -34.16
C GLU C 69 -30.44 26.57 -33.42
N TRP C 70 -29.22 26.18 -33.77
CA TRP C 70 -28.01 26.72 -33.16
C TRP C 70 -27.58 28.02 -33.83
N ASN C 71 -26.86 28.84 -33.06
CA ASN C 71 -26.26 30.09 -33.53
C ASN C 71 -24.79 30.15 -33.12
N GLY C 72 -24.15 31.31 -33.33
CA GLY C 72 -22.81 31.56 -32.84
C GLY C 72 -21.71 30.71 -33.44
N MET C 73 -20.62 30.56 -32.68
CA MET C 73 -19.49 29.75 -33.13
C MET C 73 -19.88 28.30 -33.32
N VAL C 74 -20.70 27.77 -32.43
CA VAL C 74 -21.21 26.39 -32.58
C VAL C 74 -21.84 26.19 -33.97
N LYS C 75 -22.73 27.11 -34.38
CA LYS C 75 -23.36 27.04 -35.71
C LYS C 75 -22.34 27.09 -36.84
N GLU C 76 -21.38 28.01 -36.75
CA GLU C 76 -20.33 28.08 -37.77
C GLU C 76 -19.64 26.74 -37.99
N LEU C 77 -19.40 26.00 -36.90
CA LEU C 77 -18.79 24.65 -36.99
C LEU C 77 -19.75 23.64 -37.59
N ILE C 78 -21.02 23.67 -37.15
CA ILE C 78 -22.03 22.74 -37.68
C ILE C 78 -22.18 22.87 -39.19
N ASP C 79 -22.14 24.11 -39.67
CA ASP C 79 -22.40 24.43 -41.06
C ASP C 79 -21.13 24.38 -41.89
N HIS C 80 -20.02 24.02 -41.27
CA HIS C 80 -18.73 23.90 -41.94
C HIS C 80 -18.21 25.19 -42.55
N ARG C 81 -18.59 26.33 -41.94
CA ARG C 81 -18.06 27.61 -42.37
C ARG C 81 -16.79 27.91 -41.57
N ALA C 82 -16.49 27.04 -40.61
CA ALA C 82 -15.27 27.16 -39.82
C ALA C 82 -14.72 25.77 -39.56
N ASP C 83 -13.39 25.68 -39.49
CA ASP C 83 -12.71 24.40 -39.23
C ASP C 83 -12.46 24.17 -37.74
N LEU C 84 -12.29 25.25 -36.98
CA LEU C 84 -11.97 25.17 -35.58
C LEU C 84 -12.59 26.39 -34.96
N ALA C 85 -13.00 26.30 -33.70
CA ALA C 85 -13.32 27.48 -32.91
C ALA C 85 -12.27 27.56 -31.83
N VAL C 86 -11.47 28.61 -31.84
CA VAL C 86 -10.47 28.83 -30.80
C VAL C 86 -10.90 30.07 -30.06
N ALA C 87 -11.50 29.84 -28.89
CA ALA C 87 -12.17 30.87 -28.09
C ALA C 87 -12.46 30.23 -26.74
N PRO C 88 -12.81 31.07 -25.74
CA PRO C 88 -13.19 30.48 -24.45
C PRO C 88 -14.60 29.90 -24.54
N LEU C 89 -14.70 28.76 -25.20
CA LEU C 89 -16.00 28.12 -25.46
C LEU C 89 -16.19 27.00 -24.43
N THR C 90 -17.19 27.16 -23.56
CA THR C 90 -17.37 26.23 -22.47
C THR C 90 -17.83 24.88 -22.99
N ILE C 91 -17.19 23.82 -22.50
CA ILE C 91 -17.57 22.43 -22.87
C ILE C 91 -18.85 22.08 -22.10
N THR C 92 -19.97 21.87 -22.81
CA THR C 92 -21.24 21.52 -22.18
C THR C 92 -21.85 20.37 -22.95
N TYR C 93 -22.63 19.52 -22.28
CA TYR C 93 -23.00 18.31 -23.01
C TYR C 93 -23.94 18.64 -24.17
N VAL C 94 -24.69 19.72 -24.04
CA VAL C 94 -25.61 20.11 -25.10
C VAL C 94 -24.88 20.51 -26.39
N ARG C 95 -23.74 21.17 -26.23
CA ARG C 95 -22.91 21.51 -27.39
C ARG C 95 -22.16 20.28 -27.87
N GLU C 96 -21.76 19.43 -26.93
CA GLU C 96 -20.96 18.21 -27.28
C GLU C 96 -21.73 17.22 -28.10
N LYS C 97 -23.05 17.37 -28.07
CA LYS C 97 -23.91 16.59 -28.95
C LYS C 97 -23.74 16.96 -30.42
N VAL C 98 -23.41 18.23 -30.70
CA VAL C 98 -23.43 18.76 -32.08
C VAL C 98 -22.06 19.11 -32.65
N ILE C 99 -21.08 19.30 -31.78
CA ILE C 99 -19.68 19.58 -32.16
C ILE C 99 -18.74 18.78 -31.24
N ASP C 100 -17.49 18.61 -31.66
CA ASP C 100 -16.48 17.99 -30.83
C ASP C 100 -15.71 19.06 -30.05
N PHE C 101 -15.23 18.70 -28.89
CA PHE C 101 -14.39 19.58 -28.12
C PHE C 101 -13.07 18.90 -27.85
N SER C 102 -12.00 19.66 -27.90
CA SER C 102 -10.73 19.18 -27.42
C SER C 102 -10.78 19.04 -25.92
N LYS C 103 -9.72 18.46 -25.38
CA LYS C 103 -9.45 18.51 -23.95
C LYS C 103 -9.37 20.00 -23.56
N PRO C 104 -9.84 20.34 -22.36
CA PRO C 104 -9.88 21.79 -22.06
C PRO C 104 -8.49 22.41 -21.97
N PHE C 105 -8.32 23.63 -22.49
CA PHE C 105 -7.05 24.31 -22.34
C PHE C 105 -7.08 25.21 -21.10
N MET C 106 -8.27 25.39 -20.51
CA MET C 106 -8.43 26.15 -19.26
C MET C 106 -9.54 25.46 -18.47
N THR C 107 -9.32 25.29 -17.15
CA THR C 107 -10.30 24.72 -16.22
C THR C 107 -10.53 25.73 -15.12
N LEU C 108 -11.77 25.82 -14.65
CA LEU C 108 -12.19 26.99 -13.87
C LEU C 108 -13.52 26.66 -13.21
N GLY C 109 -14.20 27.67 -12.67
CA GLY C 109 -15.50 27.38 -12.01
C GLY C 109 -16.05 28.70 -11.57
N ILE C 110 -17.30 28.69 -11.16
CA ILE C 110 -17.89 29.92 -10.61
C ILE C 110 -17.29 30.24 -9.21
N SER C 111 -17.06 31.52 -8.93
CA SER C 111 -16.64 31.91 -7.60
C SER C 111 -17.18 33.33 -7.32
N ILE C 112 -16.65 33.94 -6.29
CA ILE C 112 -17.16 35.20 -5.76
C ILE C 112 -16.07 36.28 -5.88
N LEU C 113 -16.43 37.44 -6.45
CA LEU C 113 -15.55 38.62 -6.46
C LEU C 113 -16.04 39.59 -5.39
N TYR C 114 -15.17 39.99 -4.48
CA TYR C 114 -15.56 40.92 -3.41
C TYR C 114 -14.33 41.65 -2.93
N ARG C 115 -14.52 42.53 -1.95
N ARG C 115 -14.52 42.62 -2.01
CA ARG C 115 -13.38 43.25 -1.39
CA ARG C 115 -13.39 43.35 -1.40
C ARG C 115 -12.56 42.36 -0.45
C ARG C 115 -12.63 42.51 -0.39
N LYS C 116 -11.31 42.74 -0.27
CA LYS C 116 -10.46 42.11 0.73
C LYS C 116 -10.79 42.60 2.14
N GLY C 117 -10.39 41.82 3.16
CA GLY C 117 -10.41 42.29 4.55
C GLY C 117 -11.72 42.13 5.31
N THR C 118 -12.64 41.37 4.73
CA THR C 118 -13.94 41.11 5.35
C THR C 118 -14.02 39.73 5.97
N PRO C 119 -15.03 39.51 6.81
CA PRO C 119 -15.20 38.18 7.40
C PRO C 119 -15.89 37.17 6.46
N ILE C 120 -16.30 37.58 5.26
CA ILE C 120 -17.03 36.65 4.35
C ILE C 120 -16.01 35.68 3.73
N ASP C 121 -16.24 34.38 3.87
N ASP C 121 -16.24 34.37 3.91
CA ASP C 121 -15.27 33.39 3.36
CA ASP C 121 -15.30 33.33 3.46
C ASP C 121 -15.89 32.29 2.50
C ASP C 121 -15.87 32.39 2.40
N SER C 122 -17.18 32.43 2.19
CA SER C 122 -17.86 31.44 1.36
C SER C 122 -19.21 31.93 0.86
N ALA C 123 -19.77 31.21 -0.10
CA ALA C 123 -21.14 31.43 -0.56
C ALA C 123 -22.12 31.27 0.59
N ASP C 124 -21.91 30.28 1.47
CA ASP C 124 -22.73 30.07 2.66
C ASP C 124 -22.80 31.35 3.48
N ASP C 125 -21.65 32.02 3.66
CA ASP C 125 -21.62 33.26 4.43
C ASP C 125 -22.46 34.37 3.78
N LEU C 126 -22.43 34.49 2.44
CA LEU C 126 -23.30 35.46 1.73
C LEU C 126 -24.76 35.10 1.90
N ALA C 127 -25.06 33.81 1.75
CA ALA C 127 -26.45 33.36 1.71
C ALA C 127 -27.15 33.61 3.02
N LYS C 128 -26.41 33.52 4.13
CA LYS C 128 -27.04 33.63 5.46
C LYS C 128 -27.24 35.07 5.91
N GLN C 129 -26.96 36.03 5.02
CA GLN C 129 -27.14 37.42 5.38
C GLN C 129 -27.77 38.21 4.22
N THR C 130 -28.13 39.45 4.49
CA THR C 130 -28.78 40.32 3.50
C THR C 130 -28.19 41.74 3.41
N LYS C 131 -27.24 42.07 4.27
CA LYS C 131 -26.61 43.40 4.26
C LYS C 131 -25.72 43.65 3.05
N ILE C 132 -24.88 42.67 2.76
CA ILE C 132 -24.03 42.68 1.57
C ILE C 132 -24.90 42.13 0.46
N GLU C 133 -25.15 42.96 -0.56
N GLU C 133 -25.15 42.96 -0.56
CA GLU C 133 -25.87 42.55 -1.76
CA GLU C 133 -25.89 42.52 -1.74
C GLU C 133 -24.96 41.68 -2.61
C GLU C 133 -24.96 41.63 -2.56
N TYR C 134 -25.54 40.73 -3.34
CA TYR C 134 -24.72 39.87 -4.22
C TYR C 134 -25.59 39.45 -5.38
N GLY C 135 -24.94 39.18 -6.51
CA GLY C 135 -25.67 38.81 -7.72
C GLY C 135 -24.71 38.47 -8.85
N ALA C 136 -25.24 38.51 -10.07
CA ALA C 136 -24.54 38.01 -11.25
C ALA C 136 -24.97 38.83 -12.45
N VAL C 137 -24.21 38.70 -13.55
CA VAL C 137 -24.61 39.35 -14.80
C VAL C 137 -25.88 38.67 -15.33
N ARG C 138 -26.95 39.46 -15.50
CA ARG C 138 -28.24 38.97 -16.00
C ARG C 138 -28.07 38.18 -17.31
N ASP C 139 -28.67 37.00 -17.35
CA ASP C 139 -28.70 36.14 -18.55
C ASP C 139 -27.34 35.51 -18.91
N GLY C 140 -26.35 35.72 -18.05
CA GLY C 140 -25.04 35.10 -18.20
C GLY C 140 -24.98 33.66 -17.72
N SER C 141 -23.84 33.02 -17.98
N SER C 141 -23.85 33.01 -18.00
CA SER C 141 -23.64 31.61 -17.66
CA SER C 141 -23.70 31.61 -17.64
C SER C 141 -23.79 31.33 -16.15
C SER C 141 -23.88 31.38 -16.14
N THR C 142 -23.21 32.22 -15.34
CA THR C 142 -23.29 32.11 -13.87
C THR C 142 -24.70 32.35 -13.32
N MET C 143 -25.38 33.39 -13.79
CA MET C 143 -26.77 33.62 -13.37
C MET C 143 -27.60 32.36 -13.65
N THR C 144 -27.38 31.77 -14.82
CA THR C 144 -28.13 30.58 -15.24
C THR C 144 -27.87 29.38 -14.35
N PHE C 145 -26.61 29.24 -13.92
CA PHE C 145 -26.27 28.23 -12.93
C PHE C 145 -27.13 28.36 -11.68
N PHE C 146 -27.23 29.59 -11.14
CA PHE C 146 -28.02 29.80 -9.94
C PHE C 146 -29.49 29.55 -10.16
N LYS C 147 -30.00 30.00 -11.29
CA LYS C 147 -31.44 29.87 -11.63
C LYS C 147 -31.81 28.40 -11.68
N LYS C 148 -30.89 27.56 -12.16
CA LYS C 148 -31.15 26.13 -12.35
C LYS C 148 -30.72 25.20 -11.20
N SER C 149 -30.00 25.74 -10.21
CA SER C 149 -29.48 24.89 -9.13
C SER C 149 -30.54 24.27 -8.23
N LYS C 150 -30.31 23.04 -7.81
CA LYS C 150 -31.18 22.40 -6.83
C LYS C 150 -30.48 22.26 -5.48
N ILE C 151 -29.33 22.92 -5.32
CA ILE C 151 -28.59 22.89 -4.08
C ILE C 151 -29.15 24.00 -3.18
N SER C 152 -29.50 23.64 -1.94
CA SER C 152 -30.19 24.51 -1.00
C SER C 152 -29.62 25.93 -0.92
N THR C 153 -28.31 26.01 -0.67
CA THR C 153 -27.65 27.29 -0.48
C THR C 153 -27.78 28.12 -1.75
N TYR C 154 -27.59 27.47 -2.90
CA TYR C 154 -27.66 28.19 -4.17
C TYR C 154 -29.09 28.54 -4.56
N GLU C 155 -30.07 27.73 -4.14
CA GLU C 155 -31.48 28.11 -4.27
C GLU C 155 -31.80 29.37 -3.46
N LYS C 156 -31.27 29.44 -2.24
CA LYS C 156 -31.51 30.61 -1.38
C LYS C 156 -30.85 31.84 -2.00
N MET C 157 -29.64 31.64 -2.51
CA MET C 157 -28.96 32.73 -3.22
C MET C 157 -29.74 33.19 -4.45
N TRP C 158 -30.26 32.28 -5.24
CA TRP C 158 -31.03 32.68 -6.40
C TRP C 158 -32.31 33.42 -6.00
N ALA C 159 -32.95 32.96 -4.92
CA ALA C 159 -34.12 33.66 -4.40
C ALA C 159 -33.76 35.12 -4.08
N PHE C 160 -32.60 35.34 -3.47
CA PHE C 160 -32.16 36.69 -3.12
C PHE C 160 -31.84 37.50 -4.38
N MET C 161 -31.03 36.91 -5.25
CA MET C 161 -30.71 37.51 -6.55
C MET C 161 -31.89 37.86 -7.41
N SER C 162 -32.91 36.99 -7.41
CA SER C 162 -34.00 37.16 -8.34
C SER C 162 -35.11 37.99 -7.70
N SER C 163 -34.96 38.25 -6.38
CA SER C 163 -35.95 39.03 -5.58
C SER C 163 -36.01 40.47 -6.01
N ARG C 164 -37.07 41.16 -5.58
CA ARG C 164 -37.12 42.61 -5.77
C ARG C 164 -36.81 43.01 -7.21
N GLN C 165 -37.47 42.35 -8.17
CA GLN C 165 -37.36 42.68 -9.59
C GLN C 165 -35.94 42.48 -10.12
N GLN C 166 -35.18 41.62 -9.45
N GLN C 166 -35.18 41.63 -9.43
CA GLN C 166 -33.81 41.27 -9.83
CA GLN C 166 -33.82 41.27 -9.83
C GLN C 166 -32.83 42.45 -9.73
C GLN C 166 -32.86 42.46 -9.74
N SER C 167 -33.06 43.33 -8.76
CA SER C 167 -32.20 44.50 -8.56
C SER C 167 -30.75 44.18 -8.21
N ALA C 168 -30.50 42.98 -7.72
CA ALA C 168 -29.13 42.56 -7.39
C ALA C 168 -28.37 42.02 -8.58
N LEU C 169 -29.04 41.85 -9.71
CA LEU C 169 -28.35 41.45 -10.94
C LEU C 169 -27.76 42.67 -11.63
N VAL C 170 -26.77 42.48 -12.52
CA VAL C 170 -26.15 43.57 -13.28
C VAL C 170 -26.20 43.32 -14.80
N LYS C 171 -26.02 44.39 -15.57
CA LYS C 171 -26.20 44.36 -17.02
C LYS C 171 -25.08 43.59 -17.73
N ASN C 172 -23.85 43.77 -17.26
CA ASN C 172 -22.67 43.20 -17.88
C ASN C 172 -21.54 43.20 -16.85
N SER C 173 -20.41 42.60 -17.22
N SER C 173 -20.41 42.57 -17.17
CA SER C 173 -19.30 42.44 -16.29
CA SER C 173 -19.31 42.49 -16.19
C SER C 173 -18.66 43.75 -15.79
C SER C 173 -18.70 43.85 -15.86
N ASP C 174 -18.41 44.71 -16.67
N ASP C 174 -18.65 44.74 -16.85
CA ASP C 174 -17.82 45.98 -16.20
CA ASP C 174 -18.13 46.07 -16.61
C ASP C 174 -18.73 46.69 -15.19
C ASP C 174 -18.87 46.73 -15.45
N GLU C 175 -20.03 46.72 -15.45
N GLU C 175 -20.20 46.72 -15.53
CA GLU C 175 -20.95 47.29 -14.47
CA GLU C 175 -21.00 47.33 -14.46
C GLU C 175 -20.84 46.52 -13.15
C GLU C 175 -20.98 46.52 -13.14
N GLY C 176 -20.82 45.19 -13.22
CA GLY C 176 -20.67 44.37 -12.03
C GLY C 176 -19.42 44.69 -11.25
N ILE C 177 -18.29 44.80 -11.97
CA ILE C 177 -17.03 45.10 -11.32
C ILE C 177 -17.09 46.47 -10.65
N GLN C 178 -17.63 47.47 -11.33
N GLN C 178 -17.63 47.45 -11.37
CA GLN C 178 -17.74 48.78 -10.68
CA GLN C 178 -17.82 48.78 -10.81
C GLN C 178 -18.71 48.79 -9.49
C GLN C 178 -18.69 48.75 -9.54
N ARG C 179 -19.74 47.93 -9.55
CA ARG C 179 -20.65 47.80 -8.39
C ARG C 179 -19.91 47.24 -7.17
N VAL C 180 -19.02 46.27 -7.40
CA VAL C 180 -18.22 45.76 -6.31
C VAL C 180 -17.32 46.85 -5.73
N LEU C 181 -16.71 47.65 -6.62
CA LEU C 181 -15.82 48.71 -6.14
C LEU C 181 -16.53 49.84 -5.40
N THR C 182 -17.74 50.21 -5.84
CA THR C 182 -18.38 51.42 -5.34
C THR C 182 -19.36 51.15 -4.21
N THR C 183 -19.89 49.94 -4.17
CA THR C 183 -20.91 49.61 -3.18
C THR C 183 -20.55 48.36 -2.43
N ASP C 184 -21.36 48.03 -1.42
CA ASP C 184 -21.12 46.79 -0.67
C ASP C 184 -21.81 45.63 -1.38
N TYR C 185 -21.07 45.08 -2.36
CA TYR C 185 -21.67 44.13 -3.28
C TYR C 185 -20.66 43.08 -3.63
N ALA C 186 -21.14 41.83 -3.72
CA ALA C 186 -20.30 40.70 -4.19
C ALA C 186 -20.82 40.16 -5.53
N LEU C 187 -19.92 39.90 -6.47
CA LEU C 187 -20.33 39.49 -7.82
C LEU C 187 -19.96 38.03 -8.02
N LEU C 188 -20.96 37.23 -8.43
CA LEU C 188 -20.71 35.81 -8.73
C LEU C 188 -20.35 35.74 -10.22
N MET C 189 -19.22 35.15 -10.55
CA MET C 189 -18.80 35.09 -11.95
C MET C 189 -17.75 33.97 -12.10
N GLU C 190 -17.43 33.66 -13.36
CA GLU C 190 -16.40 32.65 -13.62
C GLU C 190 -15.04 33.07 -13.09
N SER C 191 -14.31 32.09 -12.56
CA SER C 191 -13.06 32.39 -11.84
C SER C 191 -11.94 32.94 -12.74
N THR C 192 -11.99 32.64 -14.04
CA THR C 192 -11.09 33.21 -15.04
C THR C 192 -11.31 34.72 -15.09
N SER C 193 -12.57 35.15 -15.14
CA SER C 193 -12.86 36.57 -15.19
C SER C 193 -12.49 37.26 -13.88
N ILE C 194 -12.76 36.59 -12.75
CA ILE C 194 -12.39 37.13 -11.42
C ILE C 194 -10.88 37.34 -11.35
N GLU C 195 -10.08 36.35 -11.79
CA GLU C 195 -8.63 36.47 -11.64
C GLU C 195 -8.13 37.67 -12.51
N TYR C 196 -8.69 37.83 -13.70
CA TYR C 196 -8.34 38.99 -14.54
C TYR C 196 -8.57 40.30 -13.80
N VAL C 197 -9.69 40.39 -13.08
CA VAL C 197 -10.03 41.60 -12.34
C VAL C 197 -9.14 41.74 -11.09
N THR C 198 -8.95 40.67 -10.32
CA THR C 198 -8.16 40.79 -9.10
C THR C 198 -6.69 41.11 -9.38
N GLN C 199 -6.21 40.69 -10.53
CA GLN C 199 -4.88 41.10 -10.96
C GLN C 199 -4.71 42.60 -11.25
N ARG C 200 -5.83 43.29 -11.43
CA ARG C 200 -5.84 44.68 -11.90
C ARG C 200 -6.47 45.61 -10.87
N ASN C 201 -7.01 45.03 -9.80
N ASN C 201 -6.98 45.01 -9.79
CA ASN C 201 -7.59 45.81 -8.71
CA ASN C 201 -7.67 45.74 -8.72
C ASN C 201 -7.19 45.18 -7.37
C ASN C 201 -7.19 45.16 -7.37
N CYS C 202 -6.15 45.75 -6.79
CA CYS C 202 -5.48 45.17 -5.61
C CYS C 202 -6.34 45.00 -4.37
N ASN C 203 -7.46 45.69 -4.31
CA ASN C 203 -8.29 45.67 -3.13
C ASN C 203 -9.40 44.62 -3.24
N LEU C 204 -9.47 43.94 -4.38
CA LEU C 204 -10.49 42.88 -4.63
C LEU C 204 -9.85 41.50 -4.57
N THR C 205 -10.69 40.49 -4.30
CA THR C 205 -10.21 39.14 -4.12
C THR C 205 -11.32 38.14 -4.50
N GLN C 206 -10.91 36.90 -4.79
CA GLN C 206 -11.85 35.79 -4.88
C GLN C 206 -12.16 35.33 -3.46
N ILE C 207 -13.44 35.20 -3.13
CA ILE C 207 -13.89 34.73 -1.83
C ILE C 207 -14.24 33.26 -1.96
N GLY C 208 -13.62 32.41 -1.13
CA GLY C 208 -14.01 31.01 -1.08
C GLY C 208 -13.42 30.28 -2.28
N GLY C 209 -13.85 29.04 -2.47
CA GLY C 209 -13.37 28.23 -3.59
C GLY C 209 -14.25 28.33 -4.80
N LEU C 210 -14.16 27.33 -5.68
CA LEU C 210 -15.03 27.24 -6.84
C LEU C 210 -16.28 26.50 -6.45
N ILE C 211 -17.42 27.01 -6.92
CA ILE C 211 -18.73 26.44 -6.65
C ILE C 211 -19.13 25.35 -7.64
N ASP C 212 -18.52 25.36 -8.83
CA ASP C 212 -18.70 24.27 -9.80
C ASP C 212 -17.39 24.09 -10.55
N SER C 213 -17.39 23.22 -11.55
N SER C 213 -17.41 23.30 -11.61
CA SER C 213 -16.21 23.02 -12.41
CA SER C 213 -16.20 23.08 -12.40
C SER C 213 -16.63 23.15 -13.85
C SER C 213 -16.54 23.05 -13.86
N LYS C 214 -15.82 23.84 -14.65
CA LYS C 214 -16.03 23.81 -16.04
C LYS C 214 -14.74 24.06 -16.77
N GLY C 215 -14.78 23.84 -18.07
CA GLY C 215 -13.57 24.00 -18.88
C GLY C 215 -13.87 24.60 -20.22
N TYR C 216 -12.85 25.27 -20.81
CA TYR C 216 -12.96 25.84 -22.14
C TYR C 216 -12.16 24.96 -23.08
N GLY C 217 -12.76 24.62 -24.22
CA GLY C 217 -12.09 23.75 -25.22
C GLY C 217 -12.13 24.31 -26.61
N VAL C 218 -11.26 23.77 -27.50
CA VAL C 218 -11.31 24.14 -28.89
C VAL C 218 -12.43 23.34 -29.54
N GLY C 219 -13.28 24.01 -30.31
CA GLY C 219 -14.42 23.36 -30.97
C GLY C 219 -14.01 22.91 -32.36
N THR C 220 -14.44 21.72 -32.76
CA THR C 220 -14.23 21.23 -34.13
C THR C 220 -15.56 20.64 -34.64
N PRO C 221 -15.80 20.63 -35.97
CA PRO C 221 -16.99 19.91 -36.45
C PRO C 221 -16.82 18.41 -36.19
N ILE C 222 -17.89 17.66 -35.84
CA ILE C 222 -17.72 16.21 -35.65
C ILE C 222 -17.14 15.60 -36.94
N GLY C 223 -16.24 14.62 -36.81
CA GLY C 223 -15.51 14.09 -37.98
C GLY C 223 -14.22 14.78 -38.38
N SER C 224 -13.82 15.83 -37.66
CA SER C 224 -12.62 16.55 -38.04
C SER C 224 -11.32 15.71 -37.96
N PRO C 225 -10.45 15.81 -38.98
CA PRO C 225 -9.14 15.14 -38.91
C PRO C 225 -8.20 15.78 -37.87
N TYR C 226 -8.63 16.88 -37.23
CA TYR C 226 -7.80 17.69 -36.30
C TYR C 226 -8.16 17.48 -34.82
N ARG C 227 -9.28 16.80 -34.59
CA ARG C 227 -9.82 16.57 -33.26
C ARG C 227 -8.78 16.04 -32.28
N ASP C 228 -8.28 14.84 -32.58
CA ASP C 228 -7.35 14.13 -31.74
C ASP C 228 -6.05 14.85 -31.66
N LYS C 229 -5.59 15.39 -32.78
CA LYS C 229 -4.32 16.08 -32.79
C LYS C 229 -4.34 17.34 -31.91
N ILE C 230 -5.47 18.04 -31.89
CA ILE C 230 -5.60 19.21 -31.00
C ILE C 230 -5.55 18.83 -29.55
N THR C 231 -6.25 17.77 -29.14
CA THR C 231 -6.17 17.32 -27.74
C THR C 231 -4.76 16.97 -27.34
N ILE C 232 -4.08 16.22 -28.19
CA ILE C 232 -2.72 15.84 -27.89
C ILE C 232 -1.80 17.06 -27.79
N ALA C 233 -2.00 18.04 -28.69
CA ALA C 233 -1.19 19.25 -28.63
C ALA C 233 -1.45 20.03 -27.36
N ILE C 234 -2.71 20.08 -26.91
CA ILE C 234 -3.00 20.78 -25.63
C ILE C 234 -2.31 20.05 -24.46
N LEU C 235 -2.31 18.70 -24.49
CA LEU C 235 -1.65 17.94 -23.43
C LEU C 235 -0.15 18.24 -23.42
N GLN C 236 0.43 18.30 -24.61
CA GLN C 236 1.86 18.65 -24.76
C GLN C 236 2.12 20.05 -24.16
N LEU C 237 1.31 21.03 -24.54
CA LEU C 237 1.52 22.40 -24.03
C LEU C 237 1.35 22.49 -22.50
N GLN C 238 0.43 21.71 -21.93
CA GLN C 238 0.26 21.71 -20.47
C GLN C 238 1.52 21.15 -19.80
N GLU C 239 2.00 20.03 -20.31
CA GLU C 239 3.13 19.35 -19.71
C GLU C 239 4.36 20.22 -19.74
N GLU C 240 4.53 20.93 -20.85
CA GLU C 240 5.73 21.72 -20.99
C GLU C 240 5.65 23.07 -20.30
N GLY C 241 4.53 23.32 -19.64
CA GLY C 241 4.35 24.53 -18.84
C GLY C 241 3.97 25.70 -19.72
N LYS C 242 3.73 25.47 -20.99
CA LYS C 242 3.43 26.60 -21.89
C LYS C 242 2.04 27.20 -21.68
N LEU C 243 1.03 26.40 -21.32
CA LEU C 243 -0.30 26.95 -21.03
C LEU C 243 -0.20 27.88 -19.85
N HIS C 244 0.59 27.47 -18.84
CA HIS C 244 0.79 28.32 -17.68
C HIS C 244 1.42 29.65 -18.07
N MET C 245 2.46 29.58 -18.90
N MET C 245 2.48 29.60 -18.87
CA MET C 245 3.13 30.80 -19.40
CA MET C 245 3.14 30.86 -19.30
C MET C 245 2.18 31.73 -20.16
C MET C 245 2.24 31.73 -20.16
N MET C 246 1.38 31.18 -21.08
N MET C 246 1.40 31.11 -20.98
CA MET C 246 0.44 32.02 -21.83
CA MET C 246 0.48 31.86 -21.82
C MET C 246 -0.62 32.61 -20.95
C MET C 246 -0.61 32.53 -21.00
N LYS C 247 -1.08 31.85 -19.96
CA LYS C 247 -2.07 32.41 -19.01
C LYS C 247 -1.48 33.60 -18.29
N GLU C 248 -0.26 33.45 -17.77
CA GLU C 248 0.30 34.54 -16.96
C GLU C 248 0.57 35.73 -17.85
N LYS C 249 0.94 35.48 -19.11
CA LYS C 249 1.19 36.59 -20.05
C LYS C 249 0.04 37.57 -20.17
N TRP C 250 -1.16 37.00 -20.21
CA TRP C 250 -2.37 37.80 -20.45
C TRP C 250 -3.11 38.17 -19.16
N TRP C 251 -2.99 37.36 -18.11
CA TRP C 251 -3.68 37.61 -16.84
C TRP C 251 -2.91 38.47 -15.84
N ARG C 252 -1.58 38.34 -15.80
CA ARG C 252 -0.84 39.10 -14.81
C ARG C 252 -1.02 40.61 -15.03
N GLY C 253 -1.37 41.33 -13.97
CA GLY C 253 -1.74 42.71 -14.13
C GLY C 253 -0.97 43.57 -13.16
N ASN C 254 -1.15 44.88 -13.27
CA ASN C 254 -0.52 45.89 -12.41
C ASN C 254 -0.38 45.50 -10.93
N ARG D 4 23.94 13.81 23.55
CA ARG D 4 24.23 12.46 22.99
C ARG D 4 23.08 11.50 23.31
N THR D 5 21.88 12.07 23.45
CA THR D 5 20.60 11.38 23.25
C THR D 5 20.71 10.45 22.04
N LEU D 6 20.35 9.19 22.23
CA LEU D 6 20.43 8.24 21.11
C LEU D 6 19.37 8.53 20.06
N ILE D 7 19.71 8.30 18.80
CA ILE D 7 18.72 8.41 17.71
C ILE D 7 18.33 7.00 17.35
N VAL D 8 17.01 6.77 17.35
CA VAL D 8 16.47 5.43 17.03
C VAL D 8 15.74 5.52 15.69
N THR D 9 16.23 4.78 14.69
CA THR D 9 15.53 4.68 13.43
C THR D 9 14.43 3.62 13.53
N THR D 10 13.32 3.90 12.88
CA THR D 10 12.21 2.96 12.87
C THR D 10 11.38 3.24 11.60
N ILE D 11 10.26 2.54 11.48
N ILE D 11 10.36 2.41 11.38
CA ILE D 11 9.50 2.53 10.24
CA ILE D 11 9.50 2.49 10.19
C ILE D 11 8.04 2.24 10.57
C ILE D 11 8.05 2.31 10.63
N LEU D 12 7.12 2.97 9.94
CA LEU D 12 5.70 2.76 10.20
C LEU D 12 5.36 1.36 9.66
N GLU D 13 4.78 0.54 10.54
CA GLU D 13 4.41 -0.83 10.20
C GLU D 13 3.44 -1.30 11.29
N GLU D 14 2.21 -1.54 10.90
CA GLU D 14 1.20 -1.87 11.93
C GLU D 14 1.43 -3.32 12.45
N PRO D 15 1.33 -3.59 13.76
CA PRO D 15 1.15 -2.71 14.92
C PRO D 15 2.41 -2.43 15.68
N TYR D 16 3.54 -2.53 15.00
CA TYR D 16 4.81 -2.25 15.66
C TYR D 16 5.03 -0.76 15.87
N VAL D 17 4.73 0.06 14.86
CA VAL D 17 4.99 1.49 14.91
C VAL D 17 3.85 2.12 14.11
N MET D 18 3.09 2.99 14.77
CA MET D 18 1.91 3.65 14.18
C MET D 18 1.87 5.11 14.62
N TYR D 19 1.27 5.96 13.81
CA TYR D 19 0.96 7.31 14.30
C TYR D 19 -0.14 7.19 15.33
N ARG D 20 0.09 7.83 16.47
CA ARG D 20 -0.92 7.87 17.53
C ARG D 20 -2.12 8.67 17.09
N LYS D 21 -3.33 8.23 17.45
CA LYS D 21 -4.54 9.02 17.15
C LYS D 21 -4.58 10.28 18.00
N SER D 22 -4.97 11.37 17.38
CA SER D 22 -5.02 12.67 18.06
C SER D 22 -5.91 13.61 17.27
N ASP D 23 -6.57 14.53 17.95
CA ASP D 23 -7.34 15.54 17.23
C ASP D 23 -6.58 16.86 17.09
N LYS D 24 -5.29 16.82 17.43
CA LYS D 24 -4.41 17.97 17.32
C LYS D 24 -2.97 17.53 17.05
N PRO D 25 -2.16 18.40 16.42
CA PRO D 25 -0.81 17.97 16.11
C PRO D 25 0.02 17.54 17.30
N LEU D 26 0.68 16.41 17.11
CA LEU D 26 1.64 15.88 18.09
C LEU D 26 3.04 16.06 17.53
N TYR D 27 4.04 16.05 18.42
CA TYR D 27 5.41 16.38 18.10
C TYR D 27 6.31 15.40 18.79
N GLY D 28 7.49 15.18 18.24
CA GLY D 28 8.49 14.31 18.87
C GLY D 28 8.05 12.88 19.05
N ASN D 29 8.51 12.25 20.13
CA ASN D 29 8.24 10.82 20.31
C ASN D 29 6.75 10.54 20.51
N ASP D 30 6.04 11.59 20.92
N ASP D 30 6.01 11.54 20.95
CA ASP D 30 4.61 11.51 21.21
CA ASP D 30 4.60 11.32 21.24
C ASP D 30 3.79 11.23 19.96
C ASP D 30 3.84 11.00 19.96
N ARG D 31 4.42 11.32 18.79
CA ARG D 31 3.70 11.06 17.53
C ARG D 31 3.42 9.55 17.33
N PHE D 32 4.20 8.69 17.97
CA PHE D 32 4.27 7.25 17.60
C PHE D 32 3.81 6.39 18.75
N GLU D 33 3.24 5.23 18.42
CA GLU D 33 2.93 4.24 19.45
C GLU D 33 3.02 2.88 18.80
N GLY D 34 3.09 1.83 19.62
CA GLY D 34 3.03 0.43 19.09
C GLY D 34 3.99 -0.47 19.81
N TYR D 35 4.02 -1.76 19.40
CA TYR D 35 4.89 -2.76 20.06
C TYR D 35 6.32 -2.24 20.13
N CYS D 36 6.86 -1.69 19.03
CA CYS D 36 8.28 -1.34 19.05
C CYS D 36 8.59 -0.12 19.92
N LEU D 37 7.62 0.75 20.07
CA LEU D 37 7.75 1.87 21.01
C LEU D 37 7.76 1.36 22.43
N ASP D 38 6.91 0.38 22.76
CA ASP D 38 6.95 -0.20 24.11
C ASP D 38 8.25 -0.89 24.36
N LEU D 39 8.77 -1.62 23.36
CA LEU D 39 10.03 -2.35 23.51
C LEU D 39 11.15 -1.33 23.72
N LEU D 40 11.12 -0.26 22.92
CA LEU D 40 12.13 0.79 23.04
C LEU D 40 12.13 1.38 24.44
N LYS D 41 10.95 1.68 24.94
CA LYS D 41 10.87 2.23 26.31
C LYS D 41 11.52 1.30 27.34
N GLU D 42 11.20 0.01 27.29
CA GLU D 42 11.75 -0.92 28.25
C GLU D 42 13.26 -1.03 28.11
N LEU D 43 13.76 -1.10 26.87
CA LEU D 43 15.20 -1.22 26.65
C LEU D 43 15.90 0.00 27.23
N SER D 44 15.28 1.15 27.06
CA SER D 44 15.89 2.43 27.47
C SER D 44 16.05 2.47 28.97
N ASN D 45 15.09 1.88 29.71
CA ASN D 45 15.19 1.85 31.17
C ASN D 45 16.34 0.94 31.59
N ILE D 46 16.44 -0.22 30.94
CA ILE D 46 17.43 -1.19 31.35
C ILE D 46 18.82 -0.69 31.04
N LEU D 47 18.98 -0.09 29.87
CA LEU D 47 20.32 0.31 29.39
C LEU D 47 20.65 1.76 29.75
N GLY D 48 19.66 2.52 30.23
CA GLY D 48 19.93 3.85 30.80
C GLY D 48 20.09 4.98 29.81
N PHE D 49 19.32 4.94 28.71
CA PHE D 49 19.44 6.03 27.75
C PHE D 49 18.11 6.71 27.45
N LEU D 50 18.19 8.03 27.10
CA LEU D 50 17.09 8.76 26.49
C LEU D 50 17.23 8.63 24.96
N TYR D 51 16.18 8.98 24.24
CA TYR D 51 16.19 8.71 22.81
C TYR D 51 15.23 9.58 22.05
N ASP D 52 15.50 9.66 20.75
N ASP D 52 15.59 9.85 20.79
CA ASP D 52 14.79 10.48 19.80
CA ASP D 52 14.70 10.50 19.85
C ASP D 52 14.43 9.61 18.61
C ASP D 52 14.43 9.49 18.74
N VAL D 53 13.15 9.34 18.42
CA VAL D 53 12.70 8.41 17.34
C VAL D 53 12.66 9.18 16.04
N LYS D 54 13.25 8.60 14.97
CA LYS D 54 13.22 9.23 13.66
C LYS D 54 12.79 8.19 12.64
N LEU D 55 11.66 8.41 11.97
CA LEU D 55 11.27 7.48 10.90
C LEU D 55 12.31 7.49 9.79
N VAL D 56 12.59 6.30 9.25
CA VAL D 56 13.63 6.26 8.22
C VAL D 56 13.11 7.03 6.99
N PRO D 57 13.87 8.01 6.49
CA PRO D 57 13.26 8.91 5.46
C PRO D 57 12.76 8.21 4.21
N ASP D 58 13.48 7.20 3.75
CA ASP D 58 13.06 6.50 2.52
C ASP D 58 12.01 5.45 2.74
N GLY D 59 11.60 5.25 4.01
CA GLY D 59 10.55 4.23 4.28
C GLY D 59 10.89 2.79 3.98
N LYS D 60 12.17 2.44 3.98
CA LYS D 60 12.61 1.09 3.66
C LYS D 60 13.37 0.42 4.79
N TYR D 61 13.26 -0.90 4.84
CA TYR D 61 13.96 -1.67 5.90
C TYR D 61 15.46 -1.72 5.63
N GLY D 62 15.86 -2.10 4.39
CA GLY D 62 17.29 -2.08 4.03
C GLY D 62 17.60 -3.23 3.11
N ALA D 63 18.01 -2.88 1.89
CA ALA D 63 18.38 -3.87 0.88
C ALA D 63 19.48 -3.25 0.06
N GLN D 64 20.05 -4.08 -0.78
CA GLN D 64 21.11 -3.64 -1.69
C GLN D 64 20.59 -3.42 -3.10
N ASN D 65 21.05 -2.35 -3.72
CA ASN D 65 20.68 -2.07 -5.11
C ASN D 65 21.64 -2.80 -6.05
N ASP D 66 21.46 -2.56 -7.35
CA ASP D 66 22.28 -3.17 -8.39
C ASP D 66 23.79 -2.96 -8.21
N LYS D 67 24.17 -1.85 -7.58
CA LYS D 67 25.58 -1.51 -7.34
C LYS D 67 26.08 -2.05 -6.00
N GLY D 68 25.19 -2.64 -5.22
CA GLY D 68 25.55 -3.18 -3.92
C GLY D 68 25.42 -2.18 -2.78
N GLU D 69 24.82 -1.03 -3.06
CA GLU D 69 24.68 0.06 -2.07
C GLU D 69 23.46 -0.20 -1.21
N TRP D 70 23.59 0.08 0.08
CA TRP D 70 22.46 -0.11 0.99
C TRP D 70 21.56 1.10 1.13
N ASN D 71 20.31 0.78 1.49
CA ASN D 71 19.31 1.82 1.79
C ASN D 71 18.61 1.51 3.14
N GLY D 72 17.59 2.30 3.45
CA GLY D 72 16.70 1.97 4.55
C GLY D 72 17.29 2.15 5.93
N MET D 73 16.66 1.51 6.92
CA MET D 73 17.20 1.58 8.28
C MET D 73 18.64 1.07 8.34
N VAL D 74 18.94 0.02 7.54
CA VAL D 74 20.28 -0.59 7.55
C VAL D 74 21.27 0.56 7.21
N LYS D 75 20.99 1.30 6.16
CA LYS D 75 21.91 2.37 5.76
C LYS D 75 21.97 3.49 6.82
N GLU D 76 20.88 3.79 7.53
CA GLU D 76 20.96 4.78 8.62
C GLU D 76 21.95 4.32 9.69
N LEU D 77 21.94 3.03 10.02
CA LEU D 77 22.93 2.49 10.99
C LEU D 77 24.32 2.55 10.41
N ILE D 78 24.51 2.08 9.18
CA ILE D 78 25.87 2.10 8.55
C ILE D 78 26.48 3.51 8.61
N ASP D 79 25.66 4.51 8.29
CA ASP D 79 26.12 5.91 8.23
C ASP D 79 26.15 6.63 9.59
N HIS D 80 25.70 5.92 10.63
CA HIS D 80 25.70 6.45 12.01
C HIS D 80 24.74 7.62 12.15
N ARG D 81 23.71 7.66 11.32
CA ARG D 81 22.62 8.61 11.52
C ARG D 81 21.59 8.10 12.52
N ALA D 82 21.72 6.84 12.92
CA ALA D 82 20.96 6.28 14.02
C ALA D 82 21.90 5.39 14.81
N ASP D 83 21.60 5.35 16.09
CA ASP D 83 22.37 4.49 17.02
C ASP D 83 21.79 3.09 17.14
N LEU D 84 20.45 3.00 16.97
CA LEU D 84 19.75 1.70 17.06
C LEU D 84 18.59 1.71 16.08
N ALA D 85 18.24 0.54 15.57
CA ALA D 85 16.99 0.38 14.79
C ALA D 85 16.06 -0.51 15.59
N VAL D 86 14.99 0.08 16.10
CA VAL D 86 14.00 -0.69 16.90
C VAL D 86 12.75 -0.75 16.07
N ALA D 87 12.62 -1.90 15.41
CA ALA D 87 11.65 -2.09 14.36
C ALA D 87 11.65 -3.57 14.11
N PRO D 88 10.64 -4.08 13.36
CA PRO D 88 10.65 -5.51 13.04
C PRO D 88 11.64 -5.75 11.89
N LEU D 89 12.93 -5.70 12.23
CA LEU D 89 13.98 -5.82 11.24
C LEU D 89 14.46 -7.27 11.22
N THR D 90 14.24 -7.95 10.10
CA THR D 90 14.61 -9.36 10.08
C THR D 90 16.12 -9.55 10.10
N ILE D 91 16.55 -10.46 10.92
CA ILE D 91 17.97 -10.85 11.00
C ILE D 91 18.32 -11.75 9.84
N THR D 92 19.19 -11.27 8.94
CA THR D 92 19.56 -12.02 7.74
C THR D 92 21.07 -12.06 7.57
N TYR D 93 21.53 -13.11 6.90
CA TYR D 93 22.97 -13.27 6.61
C TYR D 93 23.56 -12.05 5.94
N VAL D 94 22.88 -11.55 4.91
N VAL D 94 22.89 -11.54 4.91
CA VAL D 94 23.42 -10.42 4.16
CA VAL D 94 23.45 -10.42 4.14
C VAL D 94 23.54 -9.19 5.05
C VAL D 94 23.50 -9.12 4.96
N ARG D 95 22.50 -8.90 5.84
CA ARG D 95 22.53 -7.73 6.72
C ARG D 95 23.61 -7.87 7.76
N GLU D 96 23.89 -9.09 8.21
CA GLU D 96 24.94 -9.28 9.22
C GLU D 96 26.30 -8.83 8.74
N LYS D 97 26.48 -8.76 7.42
CA LYS D 97 27.80 -8.32 6.88
C LYS D 97 28.07 -6.87 7.19
N VAL D 98 27.01 -6.07 7.35
CA VAL D 98 27.21 -4.59 7.50
C VAL D 98 26.69 -3.98 8.79
N ILE D 99 25.80 -4.68 9.49
CA ILE D 99 25.33 -4.24 10.82
C ILE D 99 25.31 -5.41 11.78
N ASP D 100 25.12 -5.12 13.06
CA ASP D 100 24.95 -6.14 14.10
C ASP D 100 23.47 -6.19 14.49
N PHE D 101 23.08 -7.33 15.05
CA PHE D 101 21.73 -7.51 15.58
C PHE D 101 21.83 -8.07 16.96
N SER D 102 20.89 -7.68 17.80
CA SER D 102 20.64 -8.36 19.08
C SER D 102 20.06 -9.75 18.84
N LYS D 103 19.97 -10.56 19.90
CA LYS D 103 19.10 -11.74 19.80
C LYS D 103 17.66 -11.29 19.43
N PRO D 104 16.89 -12.17 18.79
CA PRO D 104 15.55 -11.79 18.32
C PRO D 104 14.63 -11.51 19.49
N PHE D 105 13.80 -10.48 19.34
CA PHE D 105 12.71 -10.25 20.29
C PHE D 105 11.40 -10.96 19.85
N MET D 106 11.37 -11.46 18.59
CA MET D 106 10.25 -12.22 18.05
C MET D 106 10.87 -13.24 17.10
N THR D 107 10.32 -14.45 17.13
N THR D 107 10.31 -14.45 17.15
CA THR D 107 10.75 -15.54 16.21
CA THR D 107 10.71 -15.53 16.25
C THR D 107 9.53 -16.12 15.50
C THR D 107 9.46 -15.89 15.45
N LEU D 108 9.65 -16.22 14.18
CA LEU D 108 8.50 -16.39 13.31
C LEU D 108 8.91 -17.13 12.04
N GLY D 109 8.03 -17.09 11.04
CA GLY D 109 8.35 -17.72 9.76
C GLY D 109 7.36 -17.26 8.73
N ILE D 110 7.35 -17.96 7.61
CA ILE D 110 6.32 -17.73 6.59
C ILE D 110 5.29 -18.82 6.75
N SER D 111 4.01 -18.44 6.63
N SER D 111 4.01 -18.46 6.61
CA SER D 111 2.95 -19.45 6.66
CA SER D 111 2.96 -19.47 6.65
C SER D 111 1.84 -19.10 5.66
C SER D 111 1.84 -19.09 5.68
N ILE D 112 0.69 -19.76 5.76
CA ILE D 112 -0.39 -19.56 4.80
C ILE D 112 -1.62 -18.97 5.45
N LEU D 113 -2.22 -17.96 4.82
CA LEU D 113 -3.49 -17.38 5.25
C LEU D 113 -4.55 -17.90 4.29
N TYR D 114 -5.60 -18.50 4.82
CA TYR D 114 -6.63 -19.09 3.97
C TYR D 114 -7.95 -19.09 4.73
N ARG D 115 -9.04 -19.45 4.08
CA ARG D 115 -10.32 -19.50 4.78
C ARG D 115 -10.36 -20.80 5.58
N LYS D 116 -11.24 -20.85 6.58
CA LYS D 116 -11.37 -22.03 7.43
C LYS D 116 -12.17 -23.12 6.73
N GLY D 117 -12.01 -24.35 7.23
CA GLY D 117 -12.90 -25.46 6.89
C GLY D 117 -12.67 -26.12 5.54
N THR D 118 -11.42 -26.18 5.13
CA THR D 118 -11.06 -26.77 3.85
C THR D 118 -10.06 -27.88 4.14
N PRO D 119 -9.78 -28.76 3.15
CA PRO D 119 -8.83 -29.83 3.38
C PRO D 119 -7.35 -29.47 3.18
N ILE D 120 -7.03 -28.19 2.92
CA ILE D 120 -5.65 -27.78 2.73
C ILE D 120 -4.92 -27.71 4.07
N ASP D 121 -3.75 -28.33 4.18
N ASP D 121 -3.75 -28.34 4.16
CA ASP D 121 -3.09 -28.46 5.48
CA ASP D 121 -3.05 -28.53 5.43
C ASP D 121 -1.60 -28.08 5.46
C ASP D 121 -1.63 -27.99 5.46
N SER D 122 -1.04 -27.76 4.28
CA SER D 122 0.38 -27.40 4.15
C SER D 122 0.66 -26.74 2.81
N ALA D 123 1.88 -26.22 2.67
CA ALA D 123 2.40 -25.65 1.39
C ALA D 123 2.46 -26.75 0.33
N ASP D 124 2.85 -27.96 0.75
CA ASP D 124 2.87 -29.09 -0.16
C ASP D 124 1.52 -29.31 -0.82
N ASP D 125 0.41 -29.21 -0.06
CA ASP D 125 -0.94 -29.37 -0.60
C ASP D 125 -1.30 -28.32 -1.67
N LEU D 126 -0.82 -27.09 -1.48
CA LEU D 126 -0.99 -26.04 -2.49
C LEU D 126 -0.16 -26.34 -3.73
N ALA D 127 1.11 -26.69 -3.50
CA ALA D 127 2.14 -26.83 -4.54
C ALA D 127 1.88 -27.96 -5.51
N LYS D 128 1.07 -28.92 -5.11
CA LYS D 128 0.75 -30.03 -6.00
C LYS D 128 -0.61 -29.90 -6.69
N GLN D 129 -1.25 -28.75 -6.60
CA GLN D 129 -2.53 -28.53 -7.27
C GLN D 129 -2.57 -27.16 -7.95
N THR D 130 -3.71 -26.88 -8.57
CA THR D 130 -3.85 -25.72 -9.43
C THR D 130 -5.20 -25.00 -9.31
N LYS D 131 -6.21 -25.63 -8.70
CA LYS D 131 -7.54 -25.00 -8.53
C LYS D 131 -7.56 -23.82 -7.58
N ILE D 132 -6.87 -23.97 -6.45
CA ILE D 132 -6.70 -22.91 -5.47
C ILE D 132 -5.47 -22.11 -5.86
N GLU D 133 -5.69 -20.83 -6.15
N GLU D 133 -5.69 -20.83 -6.15
CA GLU D 133 -4.61 -19.93 -6.50
CA GLU D 133 -4.61 -19.95 -6.48
C GLU D 133 -3.90 -19.52 -5.22
C GLU D 133 -3.89 -19.56 -5.20
N TYR D 134 -2.61 -19.28 -5.30
CA TYR D 134 -1.86 -18.84 -4.11
C TYR D 134 -0.76 -17.92 -4.54
N GLY D 135 -0.42 -17.00 -3.66
CA GLY D 135 0.58 -16.01 -4.04
C GLY D 135 1.07 -15.26 -2.82
N ALA D 136 1.61 -14.08 -3.06
CA ALA D 136 2.23 -13.29 -2.01
C ALA D 136 2.14 -11.84 -2.42
N VAL D 137 2.39 -10.95 -1.48
CA VAL D 137 2.49 -9.52 -1.81
C VAL D 137 3.73 -9.26 -2.68
N ARG D 138 3.48 -8.59 -3.82
N ARG D 138 3.49 -8.70 -3.86
CA ARG D 138 4.51 -8.25 -4.81
CA ARG D 138 4.56 -8.51 -4.83
C ARG D 138 5.63 -7.48 -4.16
C ARG D 138 5.60 -7.54 -4.27
N ASP D 139 6.85 -7.95 -4.40
CA ASP D 139 8.04 -7.23 -3.91
C ASP D 139 8.25 -7.29 -2.39
N GLY D 140 7.44 -8.08 -1.68
CA GLY D 140 7.58 -8.14 -0.24
C GLY D 140 8.56 -9.19 0.20
N SER D 141 8.71 -9.36 1.51
N SER D 141 8.66 -9.35 1.51
CA SER D 141 9.74 -10.27 2.01
CA SER D 141 9.67 -10.21 2.08
C SER D 141 9.44 -11.70 1.59
C SER D 141 9.44 -11.68 1.72
N THR D 142 8.17 -12.11 1.75
CA THR D 142 7.80 -13.49 1.43
C THR D 142 8.00 -13.76 -0.08
N MET D 143 7.59 -12.81 -0.93
CA MET D 143 7.80 -13.01 -2.36
C MET D 143 9.29 -13.19 -2.63
N THR D 144 10.11 -12.38 -1.98
CA THR D 144 11.56 -12.40 -2.24
C THR D 144 12.15 -13.73 -1.75
N PHE D 145 11.69 -14.23 -0.61
CA PHE D 145 12.12 -15.58 -0.18
C PHE D 145 11.87 -16.63 -1.25
N PHE D 146 10.66 -16.66 -1.81
CA PHE D 146 10.35 -17.60 -2.85
C PHE D 146 11.18 -17.40 -4.15
N LYS D 147 11.35 -16.14 -4.54
CA LYS D 147 12.08 -15.77 -5.80
C LYS D 147 13.56 -16.14 -5.68
N LYS D 148 14.12 -15.99 -4.49
CA LYS D 148 15.56 -16.26 -4.25
C LYS D 148 15.88 -17.67 -3.76
N SER D 149 14.87 -18.48 -3.45
CA SER D 149 15.14 -19.79 -2.82
C SER D 149 15.83 -20.74 -3.76
N LYS D 150 16.73 -21.55 -3.21
CA LYS D 150 17.41 -22.58 -3.96
C LYS D 150 16.79 -23.96 -3.65
N ILE D 151 15.72 -23.96 -2.85
CA ILE D 151 15.05 -25.20 -2.42
C ILE D 151 14.00 -25.58 -3.45
N SER D 152 14.07 -26.79 -4.01
CA SER D 152 13.22 -27.13 -5.16
C SER D 152 11.72 -26.86 -4.95
N THR D 153 11.18 -27.20 -3.78
CA THR D 153 9.73 -27.06 -3.60
C THR D 153 9.33 -25.59 -3.72
N TYR D 154 10.20 -24.72 -3.19
CA TYR D 154 9.90 -23.30 -3.14
C TYR D 154 10.21 -22.66 -4.48
N GLU D 155 11.19 -23.22 -5.20
CA GLU D 155 11.42 -22.79 -6.59
C GLU D 155 10.15 -23.04 -7.41
N LYS D 156 9.54 -24.19 -7.18
CA LYS D 156 8.32 -24.53 -7.88
C LYS D 156 7.16 -23.62 -7.53
N MET D 157 7.00 -23.36 -6.23
CA MET D 157 5.93 -22.42 -5.84
C MET D 157 6.21 -21.05 -6.44
N TRP D 158 7.48 -20.65 -6.48
CA TRP D 158 7.78 -19.39 -7.16
C TRP D 158 7.37 -19.41 -8.64
N ALA D 159 7.69 -20.49 -9.34
CA ALA D 159 7.30 -20.54 -10.75
C ALA D 159 5.79 -20.44 -10.92
N PHE D 160 5.01 -21.09 -10.05
CA PHE D 160 3.54 -20.91 -10.08
C PHE D 160 3.07 -19.46 -9.76
N MET D 161 3.49 -18.91 -8.62
N MET D 161 3.52 -18.88 -8.65
CA MET D 161 3.14 -17.56 -8.23
CA MET D 161 3.03 -17.54 -8.29
C MET D 161 3.35 -16.59 -9.38
C MET D 161 3.46 -16.47 -9.26
N SER D 162 4.48 -16.76 -10.05
CA SER D 162 4.96 -15.79 -11.02
C SER D 162 4.42 -16.12 -12.42
N SER D 163 3.69 -17.22 -12.58
CA SER D 163 3.13 -17.57 -13.92
C SER D 163 1.99 -16.61 -14.30
N ARG D 164 1.52 -16.68 -15.56
N ARG D 164 1.55 -16.67 -15.56
CA ARG D 164 0.33 -15.92 -15.99
CA ARG D 164 0.36 -15.94 -15.95
C ARG D 164 0.50 -14.42 -15.69
C ARG D 164 0.60 -14.48 -15.51
N GLN D 165 1.70 -13.91 -15.99
CA GLN D 165 2.04 -12.51 -15.77
C GLN D 165 1.94 -12.11 -14.31
N GLN D 166 2.22 -13.05 -13.42
CA GLN D 166 2.21 -12.80 -11.97
C GLN D 166 0.82 -12.44 -11.45
N SER D 167 -0.20 -12.96 -12.11
CA SER D 167 -1.59 -12.70 -11.67
C SER D 167 -1.92 -13.17 -10.28
N ALA D 168 -1.14 -14.12 -9.74
CA ALA D 168 -1.40 -14.62 -8.40
C ALA D 168 -0.77 -13.73 -7.34
N LEU D 169 0.12 -12.83 -7.69
CA LEU D 169 0.60 -11.87 -6.70
C LEU D 169 -0.43 -10.79 -6.43
N VAL D 170 -0.26 -10.09 -5.31
CA VAL D 170 -1.15 -8.98 -4.98
C VAL D 170 -0.31 -7.74 -4.66
N LYS D 171 -0.93 -6.58 -4.74
CA LYS D 171 -0.18 -5.33 -4.64
C LYS D 171 0.26 -5.00 -3.20
N ASN D 172 -0.59 -5.34 -2.25
CA ASN D 172 -0.36 -5.02 -0.85
C ASN D 172 -1.14 -6.00 0.00
N SER D 173 -0.91 -5.97 1.32
N SER D 173 -0.89 -5.92 1.30
CA SER D 173 -1.57 -6.96 2.19
CA SER D 173 -1.49 -6.82 2.27
C SER D 173 -3.09 -6.79 2.24
C SER D 173 -3.02 -6.76 2.26
N ASP D 174 -3.60 -5.55 2.22
CA ASP D 174 -5.04 -5.35 2.30
C ASP D 174 -5.69 -6.04 1.10
N GLU D 175 -5.09 -5.85 -0.09
N GLU D 175 -5.12 -5.88 -0.10
CA GLU D 175 -5.58 -6.53 -1.30
CA GLU D 175 -5.72 -6.54 -1.28
C GLU D 175 -5.55 -8.04 -1.08
C GLU D 175 -5.51 -8.09 -1.22
N GLY D 176 -4.41 -8.55 -0.61
CA GLY D 176 -4.25 -9.99 -0.40
C GLY D 176 -5.30 -10.56 0.55
N ILE D 177 -5.56 -9.87 1.68
CA ILE D 177 -6.56 -10.37 2.63
C ILE D 177 -7.96 -10.39 2.00
N GLN D 178 -8.30 -9.31 1.28
CA GLN D 178 -9.60 -9.29 0.60
C GLN D 178 -9.71 -10.39 -0.46
N ARG D 179 -8.60 -10.66 -1.14
CA ARG D 179 -8.63 -11.74 -2.14
C ARG D 179 -8.86 -13.07 -1.47
N VAL D 180 -8.25 -13.30 -0.31
CA VAL D 180 -8.53 -14.54 0.41
C VAL D 180 -10.01 -14.61 0.81
N LEU D 181 -10.55 -13.48 1.25
CA LEU D 181 -11.99 -13.44 1.70
C LEU D 181 -12.97 -13.64 0.55
N THR D 182 -12.68 -13.10 -0.62
CA THR D 182 -13.65 -13.06 -1.71
C THR D 182 -13.51 -14.17 -2.72
N THR D 183 -12.30 -14.74 -2.86
CA THR D 183 -12.06 -15.72 -3.88
C THR D 183 -11.40 -16.97 -3.33
N ASP D 184 -11.21 -17.97 -4.17
CA ASP D 184 -10.54 -19.17 -3.71
C ASP D 184 -9.04 -19.00 -3.86
N TYR D 185 -8.45 -18.41 -2.83
CA TYR D 185 -7.06 -17.93 -2.91
C TYR D 185 -6.42 -18.03 -1.53
N ALA D 186 -5.15 -18.45 -1.52
CA ALA D 186 -4.34 -18.56 -0.29
C ALA D 186 -3.19 -17.58 -0.38
N LEU D 187 -2.92 -16.88 0.72
CA LEU D 187 -1.85 -15.87 0.70
C LEU D 187 -0.68 -16.36 1.56
N LEU D 188 0.52 -16.43 0.96
CA LEU D 188 1.74 -16.78 1.71
C LEU D 188 2.24 -15.45 2.31
N MET D 189 2.51 -15.48 3.62
N MET D 189 2.52 -15.46 3.61
CA MET D 189 2.72 -14.25 4.36
CA MET D 189 2.88 -14.21 4.26
C MET D 189 3.55 -14.54 5.64
C MET D 189 3.53 -14.51 5.61
N GLU D 190 4.27 -13.52 6.15
CA GLU D 190 4.95 -13.73 7.44
C GLU D 190 3.94 -14.05 8.52
N SER D 191 4.30 -14.96 9.43
CA SER D 191 3.35 -15.50 10.41
C SER D 191 2.90 -14.46 11.42
N THR D 192 3.74 -13.46 11.69
CA THR D 192 3.31 -12.36 12.57
C THR D 192 2.18 -11.55 11.94
N SER D 193 2.28 -11.34 10.65
CA SER D 193 1.28 -10.60 9.89
C SER D 193 0.01 -11.41 9.80
N ILE D 194 0.15 -12.73 9.57
CA ILE D 194 -1.02 -13.61 9.59
C ILE D 194 -1.72 -13.53 10.95
N GLU D 195 -0.97 -13.62 12.04
CA GLU D 195 -1.58 -13.62 13.39
C GLU D 195 -2.37 -12.32 13.56
N TYR D 196 -1.85 -11.22 13.02
CA TYR D 196 -2.58 -9.93 13.20
C TYR D 196 -3.87 -9.90 12.42
N VAL D 197 -3.85 -10.52 11.23
CA VAL D 197 -5.04 -10.56 10.39
C VAL D 197 -6.07 -11.56 10.91
N THR D 198 -5.64 -12.74 11.36
CA THR D 198 -6.64 -13.71 11.84
C THR D 198 -7.32 -13.21 13.14
N GLN D 199 -6.61 -12.38 13.91
CA GLN D 199 -7.25 -11.79 15.11
C GLN D 199 -8.38 -10.82 14.81
N ARG D 200 -8.46 -10.35 13.56
CA ARG D 200 -9.48 -9.38 13.11
C ARG D 200 -10.38 -9.91 12.04
N ASN D 201 -10.23 -11.18 11.66
CA ASN D 201 -11.01 -11.75 10.54
C ASN D 201 -11.31 -13.17 10.95
N CYS D 202 -12.48 -13.41 11.53
CA CYS D 202 -12.69 -14.68 12.22
C CYS D 202 -12.95 -15.91 11.33
N ASN D 203 -13.16 -15.67 10.03
N ASN D 203 -13.15 -15.67 10.04
CA ASN D 203 -13.35 -16.72 9.02
CA ASN D 203 -13.34 -16.74 9.06
C ASN D 203 -12.01 -17.22 8.46
C ASN D 203 -12.04 -17.09 8.32
N LEU D 204 -10.96 -16.50 8.80
CA LEU D 204 -9.62 -16.77 8.25
C LEU D 204 -8.79 -17.54 9.26
N THR D 205 -7.87 -18.34 8.75
CA THR D 205 -6.99 -19.08 9.61
C THR D 205 -5.60 -19.20 9.01
N GLN D 206 -4.65 -19.58 9.84
CA GLN D 206 -3.27 -19.88 9.43
C GLN D 206 -3.29 -21.35 9.15
N ILE D 207 -2.76 -21.73 8.00
CA ILE D 207 -2.73 -23.13 7.51
C ILE D 207 -1.30 -23.57 7.56
N GLY D 208 -1.11 -24.71 8.22
CA GLY D 208 0.20 -25.35 8.23
C GLY D 208 1.13 -24.69 9.22
N GLY D 209 2.38 -25.11 9.14
CA GLY D 209 3.37 -24.66 10.05
C GLY D 209 4.09 -23.49 9.43
N LEU D 210 5.30 -23.30 9.93
CA LEU D 210 6.23 -22.28 9.47
C LEU D 210 7.24 -22.84 8.50
N ILE D 211 7.50 -21.99 7.50
CA ILE D 211 8.59 -22.04 6.51
C ILE D 211 9.60 -20.93 6.85
N ASP D 212 10.88 -21.09 6.52
CA ASP D 212 11.83 -19.93 6.57
C ASP D 212 11.91 -19.30 7.98
N SER D 213 12.20 -20.13 8.97
CA SER D 213 12.28 -19.63 10.33
C SER D 213 13.22 -18.45 10.38
N LYS D 214 12.81 -17.40 11.09
CA LYS D 214 13.63 -16.21 11.20
C LYS D 214 13.22 -15.37 12.40
N GLY D 215 14.05 -14.39 12.73
CA GLY D 215 13.72 -13.56 13.87
C GLY D 215 13.83 -12.07 13.53
N TYR D 216 13.18 -11.26 14.36
CA TYR D 216 13.34 -9.79 14.31
C TYR D 216 14.28 -9.39 15.43
N GLY D 217 15.25 -8.55 15.11
CA GLY D 217 16.27 -8.14 16.11
C GLY D 217 16.39 -6.64 16.11
N VAL D 218 16.94 -6.09 17.17
CA VAL D 218 17.31 -4.68 17.18
C VAL D 218 18.64 -4.53 16.46
N GLY D 219 18.67 -3.63 15.48
CA GLY D 219 19.91 -3.34 14.73
C GLY D 219 20.80 -2.31 15.41
N THR D 220 22.11 -2.50 15.29
CA THR D 220 23.09 -1.55 15.79
C THR D 220 24.22 -1.48 14.76
N PRO D 221 24.95 -0.36 14.72
CA PRO D 221 26.10 -0.33 13.81
C PRO D 221 27.09 -1.39 14.26
N ILE D 222 27.89 -1.91 13.34
CA ILE D 222 28.92 -2.85 13.76
C ILE D 222 29.86 -2.14 14.74
N GLY D 223 30.23 -2.88 15.77
CA GLY D 223 31.09 -2.38 16.83
C GLY D 223 30.29 -2.02 18.05
N SER D 224 29.06 -1.55 17.85
CA SER D 224 28.32 -0.95 18.94
C SER D 224 28.35 -1.77 20.25
N PRO D 225 28.61 -1.07 21.36
CA PRO D 225 28.53 -1.69 22.68
C PRO D 225 27.09 -2.07 23.06
N TYR D 226 26.11 -1.39 22.47
CA TYR D 226 24.73 -1.67 22.80
C TYR D 226 24.28 -3.06 22.33
N ARG D 227 24.91 -3.65 21.31
CA ARG D 227 24.42 -4.95 20.77
C ARG D 227 24.30 -6.01 21.88
N ASP D 228 25.39 -6.23 22.59
CA ASP D 228 25.35 -7.23 23.66
C ASP D 228 24.46 -6.82 24.85
N LYS D 229 24.45 -5.53 25.19
CA LYS D 229 23.60 -5.09 26.28
C LYS D 229 22.14 -5.22 25.92
N ILE D 230 21.81 -4.99 24.63
CA ILE D 230 20.43 -5.20 24.17
C ILE D 230 20.03 -6.65 24.22
N THR D 231 20.94 -7.54 23.82
CA THR D 231 20.66 -8.95 23.95
C THR D 231 20.31 -9.36 25.40
N ILE D 232 21.17 -8.92 26.32
CA ILE D 232 20.93 -9.13 27.74
C ILE D 232 19.56 -8.57 28.16
N ALA D 233 19.22 -7.37 27.69
CA ALA D 233 17.94 -6.76 28.06
C ALA D 233 16.73 -7.54 27.51
N ILE D 234 16.84 -8.01 26.29
CA ILE D 234 15.75 -8.75 25.64
C ILE D 234 15.51 -10.03 26.42
N LEU D 235 16.58 -10.70 26.82
CA LEU D 235 16.43 -11.91 27.63
C LEU D 235 15.69 -11.61 28.93
N GLN D 236 16.02 -10.48 29.58
CA GLN D 236 15.35 -10.07 30.81
C GLN D 236 13.85 -9.90 30.56
N LEU D 237 13.50 -9.20 29.49
CA LEU D 237 12.10 -8.90 29.18
C LEU D 237 11.34 -10.17 28.81
N GLN D 238 12.00 -11.07 28.08
CA GLN D 238 11.42 -12.37 27.77
C GLN D 238 11.05 -13.12 29.04
N GLU D 239 12.05 -13.32 29.89
CA GLU D 239 11.92 -14.07 31.15
C GLU D 239 10.82 -13.48 32.06
N GLU D 240 10.74 -12.16 32.15
CA GLU D 240 9.69 -11.53 32.95
C GLU D 240 8.30 -11.51 32.31
N GLY D 241 8.19 -12.05 31.11
CA GLY D 241 6.91 -12.11 30.38
C GLY D 241 6.47 -10.80 29.76
N LYS D 242 7.35 -9.80 29.76
CA LYS D 242 6.99 -8.50 29.21
C LYS D 242 6.83 -8.51 27.70
N LEU D 243 7.67 -9.27 26.99
CA LEU D 243 7.49 -9.38 25.55
C LEU D 243 6.13 -10.00 25.20
N HIS D 244 5.73 -11.03 25.96
CA HIS D 244 4.43 -11.66 25.75
C HIS D 244 3.26 -10.68 25.98
N MET D 245 3.35 -9.85 27.03
CA MET D 245 2.29 -8.87 27.28
C MET D 245 2.18 -7.83 26.19
N MET D 246 3.34 -7.37 25.70
CA MET D 246 3.38 -6.43 24.56
C MET D 246 2.72 -7.03 23.31
N LYS D 247 3.00 -8.31 23.04
CA LYS D 247 2.45 -8.95 21.85
C LYS D 247 0.92 -9.04 22.00
N GLU D 248 0.48 -9.38 23.20
CA GLU D 248 -0.99 -9.51 23.44
C GLU D 248 -1.67 -8.17 23.20
N LYS D 249 -1.14 -7.10 23.78
CA LYS D 249 -1.73 -5.77 23.67
C LYS D 249 -1.81 -5.35 22.22
N TRP D 250 -0.71 -5.49 21.49
CA TRP D 250 -0.70 -4.91 20.16
C TRP D 250 -1.35 -5.75 19.07
N TRP D 251 -1.50 -7.04 19.34
CA TRP D 251 -2.19 -7.90 18.37
C TRP D 251 -3.72 -7.95 18.62
N ARG D 252 -4.25 -7.14 19.55
CA ARG D 252 -5.72 -7.14 19.75
C ARG D 252 -6.47 -6.77 18.48
N GLY D 253 -7.59 -7.45 18.26
CA GLY D 253 -8.44 -7.27 17.07
C GLY D 253 -9.87 -7.48 17.50
N ASN D 254 -10.51 -8.56 17.02
CA ASN D 254 -11.93 -8.80 17.31
C ASN D 254 -12.09 -9.97 18.30
N GLY D 255 -10.97 -10.40 18.87
CA GLY D 255 -10.88 -11.69 19.54
C GLY D 255 -10.71 -12.72 18.42
N CYS D 256 -11.72 -13.54 18.22
CA CYS D 256 -11.75 -14.67 17.24
C CYS D 256 -11.31 -15.99 17.88
N NH4 E . -4.29 8.52 -29.11
F2 LY5 F . -3.41 8.05 -2.79
F2 LY5 F . -0.93 6.61 -3.71
C15 LY5 F . -2.40 7.87 -3.64
C15 LY5 F . -0.87 7.32 -4.76
F1 LY5 F . -1.71 6.95 -3.03
F1 LY5 F . 0.25 6.82 -5.29
C14 LY5 F . -1.59 9.13 -3.96
C14 LY5 F . -0.82 8.79 -4.42
C12 LY5 F . -2.41 9.69 -5.12
C12 LY5 F . -1.89 9.48 -5.24
C13 LY5 F . -1.78 10.79 -5.97
C13 LY5 F . -1.26 10.77 -5.66
O4 LY5 F . -0.92 10.57 -6.83
O4 LY5 F . -0.23 10.78 -6.35
O3 LY5 F . -2.16 11.95 -5.86
O3 LY5 F . -1.75 11.80 -5.20
C16 LY5 F . -2.93 7.38 -4.99
C16 LY5 F . -2.12 7.19 -5.63
N2 LY5 F . -2.72 8.50 -5.94
N2 LY5 F . -2.29 8.50 -6.29
C11 LY5 F . -3.90 8.81 -6.74
C11 LY5 F . -3.70 8.74 -6.72
C7 LY5 F . -4.34 7.63 -7.61
C6 LY5 F . -3.53 7.48 -8.91
C8 LY5 F . -5.79 7.97 -7.96
C9 LY5 F . -6.36 6.84 -8.84
C4 LY5 F . -5.53 6.66 -10.13
C5 LY5 F . -4.07 6.34 -9.79
C3 LY5 F . -5.67 7.81 -11.09
N1 LY5 F . -4.93 7.49 -12.37
C1 LY5 F . -3.48 7.24 -12.14
C2 LY5 F . -3.27 6.14 -11.08
C10 LY5 F . -2.88 6.83 -13.45
O1 LY5 F . -1.61 6.67 -13.48
O2 LY5 F . -3.60 6.65 -14.44
F2 LY5 G . 11.23 -38.88 25.57
F2 LY5 G . 10.73 -39.19 24.26
C15 LY5 G . 11.00 -37.57 25.68
C15 LY5 G . 11.01 -38.04 24.84
F1 LY5 G . 10.94 -37.24 26.97
F1 LY5 G . 11.55 -38.30 26.04
C14 LY5 G . 9.70 -37.15 25.03
C14 LY5 G . 9.75 -37.17 24.98
C12 LY5 G . 10.03 -35.90 24.22
C12 LY5 G . 9.98 -36.02 24.01
C13 LY5 G . 9.14 -34.78 24.65
C13 LY5 G . 9.25 -34.75 24.37
O4 LY5 G . 9.04 -34.57 25.87
O4 LY5 G . 9.41 -34.20 25.49
O3 LY5 G . 8.54 -34.12 23.77
O3 LY5 G . 8.49 -34.25 23.49
C16 LY5 G . 12.11 -36.80 24.97
C16 LY5 G . 11.99 -37.25 23.99
N2 LY5 G . 11.45 -35.57 24.46
N2 LY5 G . 11.45 -35.87 24.05
C11 LY5 G . 11.94 -35.03 23.17
C11 LY5 G . 11.93 -34.94 23.02
C7 LY5 G . 13.45 -34.81 23.01
C6 LY5 G . 14.05 -33.88 24.08
C8 LY5 G . 13.74 -34.22 21.64
C9 LY5 G . 15.26 -34.08 21.47
C4 LY5 G . 15.91 -33.23 22.59
C5 LY5 G . 15.57 -33.79 23.98
C3 LY5 G . 15.50 -31.77 22.48
N1 LY5 G . 16.17 -30.99 23.57
C1 LY5 G . 15.84 -31.44 24.94
C2 LY5 G . 16.13 -32.95 25.13
C10 LY5 G . 16.68 -30.64 25.92
O1 LY5 G . 16.46 -30.79 27.15
O2 LY5 G . 17.55 -29.84 25.47
C1 GOL H . -9.71 -34.35 34.61
O1 GOL H . -9.79 -34.25 36.01
C2 GOL H . -10.47 -33.21 33.94
O2 GOL H . -11.88 -33.37 34.11
C3 GOL H . -10.14 -33.24 32.44
O3 GOL H . -10.70 -34.39 31.81
F2 LY5 I . -20.50 38.89 -18.42
C15 LY5 I . -20.73 37.62 -18.25
F1 LY5 I . -21.94 37.39 -18.72
C14 LY5 I . -20.63 37.24 -16.79
C12 LY5 I . -19.72 36.01 -16.75
C13 LY5 I . -20.35 34.89 -15.97
O4 LY5 I . -21.52 34.52 -16.20
O3 LY5 I . -19.62 34.33 -15.12
C16 LY5 I . -19.66 36.83 -18.98
N2 LY5 I . -19.50 35.62 -18.15
C11 LY5 I . -18.20 34.94 -18.22
C7 LY5 I . -17.75 34.65 -19.67
C6 LY5 I . -18.69 33.67 -20.40
C8 LY5 I . -16.31 34.11 -19.59
C9 LY5 I . -15.81 33.81 -21.01
C4 LY5 I . -16.78 32.92 -21.83
C5 LY5 I . -18.23 33.45 -21.86
C3 LY5 I . -16.69 31.47 -21.32
N1 LY5 I . -17.55 30.61 -22.19
C1 LY5 I . -18.98 31.00 -22.21
C2 LY5 I . -19.16 32.46 -22.61
C10 LY5 I . -19.72 30.12 -23.16
O1 LY5 I . -20.95 30.23 -23.27
O2 LY5 I . -19.08 29.31 -23.90
C1 GOL J . -16.73 11.87 -30.47
O1 GOL J . -15.97 12.49 -31.51
C2 GOL J . -18.06 11.35 -31.00
O2 GOL J . -17.91 10.83 -32.32
C3 GOL J . -19.03 12.51 -31.14
O3 GOL J . -19.52 12.83 -29.83
N NH4 K . 27.22 -8.51 12.12
F2 LY5 L . 1.93 -7.89 4.79
C15 LY5 L . 2.98 -7.65 4.02
F1 LY5 L . 2.61 -6.68 3.23
C14 LY5 L . 3.52 -8.84 3.24
C12 LY5 L . 4.39 -9.49 4.31
C13 LY5 L . 5.23 -10.59 3.73
O4 LY5 L . 6.03 -10.41 2.80
O3 LY5 L . 5.06 -11.70 4.18
C16 LY5 L . 4.19 -7.21 4.86
N2 LY5 L . 5.17 -8.36 4.83
C11 LY5 L . 5.62 -8.67 6.17
C7 LY5 L . 6.42 -7.53 6.82
C6 LY5 L . 7.88 -7.51 6.31
C8 LY5 L . 6.43 -7.80 8.33
C9 LY5 L . 7.20 -6.72 9.09
C4 LY5 L . 8.66 -6.59 8.58
C5 LY5 L . 8.66 -6.42 7.06
C3 LY5 L . 9.55 -7.79 8.96
N1 LY5 L . 10.96 -7.53 8.52
C1 LY5 L . 11.08 -7.35 7.03
C2 LY5 L . 10.12 -6.23 6.55
C10 LY5 L . 12.54 -6.98 6.81
O1 LY5 L . 12.88 -6.87 5.58
O2 LY5 L . 13.29 -6.75 7.75
#